data_5JYK
#
_entry.id   5JYK
#
_cell.length_a   132.162
_cell.length_b   132.162
_cell.length_c   154.329
_cell.angle_alpha   90.000
_cell.angle_beta   90.000
_cell.angle_gamma   90.000
#
_symmetry.space_group_name_H-M   'I 4'
#
loop_
_entity.id
_entity.type
_entity.pdbx_description
1 polymer 'Protease Do-like 9'
2 non-polymer GLYCEROL
3 water water
#
_entity_poly.entity_id   1
_entity_poly.type   'polypeptide(L)'
_entity_poly.pdbx_seq_one_letter_code
;MGSSHHHHHHSSGLVPRGSHMASMTGGQQMGRGSEFELLNNESEAGNQRTSSPERSRSRLHHSDTKNGDCSNGMIVSTTT
ESIPAAPSWETVVKVVPSMDAVVKVFCVHTEPNFSLPWQRKRQYSSGSSGFIIGGRRVLTNAHSVEHHTQVKLKKRGSDT
KYLATVLAIGTECDIALLTVTDDEFWEGVSPVEFGDLPALQDAVTVVGYPIGGDTISVTSGVVSRMEILSYVHGSTELLG
LQIDAAINSGNSGGPAFNDKGKCVGIAFQSLKHEDAENIGYVIPTPVIVHFIQDYEKHDKYTGFPVLGIEWQKMENPDLR
KSMGMESHQKGVRIRRIEPTAPESQVLKPSDIILSFDGVNIANDGTVPFRHGERIGFSYLISQKYTGDSALVKVLRNKEI
LEFNIKLAIHKRLIPAHISGKPPSYFIVAGFVFTTVSVPYLRSEYGKEYEFDAPVKLLEKHLHAMAQSVDEQLVVVSQVL
VSDINIGYEEIVNTQVVAFNGKPVKNLKGLAGMVENCEDEYMKFNLDYDQIVVLDTKTAKEATLDILTTHCIPSAMSDDL
KTEERN
;
_entity_poly.pdbx_strand_id   A,B
#
loop_
_chem_comp.id
_chem_comp.type
_chem_comp.name
_chem_comp.formula
GOL non-polymer GLYCEROL 'C3 H8 O3'
#
# COMPACT_ATOMS: atom_id res chain seq x y z
N PRO A 97 44.58 -20.17 -1.92
CA PRO A 97 45.19 -19.15 -2.78
C PRO A 97 44.35 -18.90 -4.05
N SER A 98 44.47 -17.74 -4.70
CA SER A 98 45.40 -16.67 -4.32
C SER A 98 44.83 -15.70 -3.27
N MET A 99 44.95 -16.08 -2.00
CA MET A 99 44.38 -15.29 -0.91
C MET A 99 44.97 -13.89 -0.85
N ASP A 100 46.20 -13.70 -1.35
CA ASP A 100 46.91 -12.45 -1.12
C ASP A 100 46.35 -11.28 -1.94
N ALA A 101 45.45 -11.52 -2.88
CA ALA A 101 44.80 -10.42 -3.58
C ALA A 101 43.49 -9.99 -2.95
N VAL A 102 43.05 -10.66 -1.88
CA VAL A 102 41.77 -10.40 -1.23
C VAL A 102 42.01 -9.49 -0.02
N VAL A 103 41.51 -8.25 -0.10
CA VAL A 103 41.85 -7.19 0.84
C VAL A 103 40.67 -6.86 1.75
N LYS A 104 40.98 -6.23 2.87
CA LYS A 104 39.95 -5.67 3.73
C LYS A 104 39.75 -4.19 3.39
N VAL A 105 38.49 -3.78 3.36
CA VAL A 105 38.12 -2.41 3.01
C VAL A 105 37.65 -1.71 4.28
N PHE A 106 38.38 -0.68 4.70
CA PHE A 106 37.97 0.16 5.80
C PHE A 106 37.44 1.46 5.22
N CYS A 107 36.22 1.79 5.57
CA CYS A 107 35.57 2.93 4.97
C CYS A 107 34.98 3.78 6.07
N VAL A 108 35.26 5.09 6.00
CA VAL A 108 34.65 6.06 6.88
C VAL A 108 33.50 6.70 6.12
N HIS A 109 32.29 6.64 6.69
CA HIS A 109 31.06 7.14 6.08
C HIS A 109 30.52 8.36 6.83
N THR A 110 29.96 9.30 6.08
CA THR A 110 29.27 10.48 6.60
C THR A 110 27.94 10.54 5.84
N GLU A 111 26.93 9.82 6.38
CA GLU A 111 25.60 9.60 5.86
C GLU A 111 24.73 10.83 6.07
N PRO A 112 23.95 11.23 5.08
CA PRO A 112 22.95 12.26 5.33
C PRO A 112 21.87 11.72 6.25
N ASN A 113 21.22 12.60 6.98
CA ASN A 113 20.02 12.23 7.71
C ASN A 113 18.83 12.58 6.84
N PHE A 114 18.15 11.56 6.30
CA PHE A 114 17.02 11.82 5.42
C PHE A 114 15.81 12.32 6.19
N SER A 115 15.67 11.94 7.45
CA SER A 115 14.62 12.50 8.28
C SER A 115 14.92 13.93 8.73
N LEU A 116 16.20 14.28 8.95
CA LEU A 116 16.62 15.64 9.30
C LEU A 116 17.64 16.10 8.26
N PRO A 117 17.18 16.50 7.07
CA PRO A 117 18.10 16.61 5.93
C PRO A 117 19.12 17.74 6.03
N TRP A 118 19.12 18.55 7.09
CA TRP A 118 20.20 19.51 7.30
C TRP A 118 21.37 18.89 8.07
N GLN A 119 21.28 17.63 8.48
CA GLN A 119 22.30 17.01 9.32
C GLN A 119 23.04 15.91 8.57
N ARG A 120 24.31 15.75 8.93
CA ARG A 120 25.06 14.55 8.60
C ARG A 120 25.28 13.77 9.89
N LYS A 121 25.09 12.46 9.83
CA LYS A 121 25.24 11.63 11.00
C LYS A 121 26.71 11.58 11.43
N ARG A 122 26.94 11.05 12.63
CA ARG A 122 28.30 10.92 13.13
C ARG A 122 29.11 10.03 12.19
N GLN A 123 30.37 10.40 11.96
CA GLN A 123 31.30 9.53 11.26
C GLN A 123 31.30 8.16 11.88
N TYR A 124 31.35 7.14 11.05
CA TYR A 124 31.61 5.80 11.56
C TYR A 124 32.39 5.02 10.50
N SER A 125 33.01 3.94 10.97
CA SER A 125 33.84 3.10 10.12
C SER A 125 33.19 1.74 9.93
N SER A 126 33.24 1.24 8.71
CA SER A 126 32.78 -0.10 8.41
C SER A 126 33.89 -0.86 7.70
N GLY A 127 33.89 -2.17 7.85
CA GLY A 127 34.83 -3.05 7.17
C GLY A 127 34.10 -4.00 6.26
N SER A 128 34.67 -4.26 5.09
CA SER A 128 34.14 -5.30 4.19
C SER A 128 35.30 -5.92 3.42
N SER A 129 34.99 -6.65 2.36
CA SER A 129 36.01 -7.32 1.57
C SER A 129 36.07 -6.74 0.17
N GLY A 130 37.09 -7.15 -0.56
CA GLY A 130 37.41 -6.58 -1.86
C GLY A 130 38.61 -7.33 -2.38
N PHE A 131 38.94 -7.10 -3.65
CA PHE A 131 40.09 -7.83 -4.19
C PHE A 131 40.80 -7.04 -5.27
N ILE A 132 42.10 -7.34 -5.42
CA ILE A 132 42.94 -6.67 -6.40
C ILE A 132 42.78 -7.37 -7.75
N ILE A 133 42.61 -6.57 -8.81
CA ILE A 133 42.54 -7.10 -10.17
C ILE A 133 43.59 -6.41 -11.02
N GLY A 134 43.56 -6.66 -12.33
CA GLY A 134 44.60 -6.16 -13.19
C GLY A 134 44.54 -4.65 -13.36
N GLY A 135 45.73 -4.06 -13.56
CA GLY A 135 45.79 -2.67 -13.91
C GLY A 135 45.73 -1.71 -12.74
N ARG A 136 46.21 -2.13 -11.56
CA ARG A 136 46.24 -1.26 -10.38
C ARG A 136 44.82 -0.89 -9.96
N ARG A 137 43.95 -1.90 -9.85
CA ARG A 137 42.55 -1.66 -9.49
CA ARG A 137 42.54 -1.70 -9.52
C ARG A 137 42.09 -2.68 -8.46
N VAL A 138 41.14 -2.24 -7.63
CA VAL A 138 40.50 -3.05 -6.60
C VAL A 138 39.01 -3.00 -6.83
N LEU A 139 38.33 -4.13 -6.60
CA LEU A 139 36.88 -4.21 -6.69
C LEU A 139 36.29 -4.48 -5.32
N THR A 140 35.20 -3.78 -5.01
CA THR A 140 34.42 -4.03 -3.80
C THR A 140 32.95 -3.74 -4.10
N ASN A 141 32.09 -3.94 -3.10
CA ASN A 141 30.70 -3.50 -3.22
C ASN A 141 30.57 -1.99 -3.19
N ALA A 142 29.64 -1.48 -3.99
CA ALA A 142 29.23 -0.09 -3.86
C ALA A 142 28.69 0.22 -2.46
N HIS A 143 27.93 -0.70 -1.86
CA HIS A 143 27.33 -0.37 -0.57
C HIS A 143 28.39 -0.24 0.51
N SER A 144 29.51 -0.95 0.37
CA SER A 144 30.59 -0.88 1.32
C SER A 144 31.24 0.50 1.38
N VAL A 145 31.11 1.33 0.34
CA VAL A 145 31.73 2.66 0.37
C VAL A 145 30.73 3.78 0.10
N GLU A 146 29.46 3.57 0.41
CA GLU A 146 28.52 4.64 0.12
C GLU A 146 28.68 5.75 1.14
N HIS A 147 28.69 6.99 0.63
CA HIS A 147 28.92 8.18 1.45
C HIS A 147 30.33 8.19 2.01
N HIS A 148 31.28 7.63 1.27
CA HIS A 148 32.65 7.53 1.75
C HIS A 148 33.24 8.92 1.90
N THR A 149 34.05 9.10 2.94
CA THR A 149 34.93 10.25 3.06
C THR A 149 36.39 9.85 3.12
N GLN A 150 36.68 8.59 3.36
CA GLN A 150 38.02 8.04 3.30
C GLN A 150 37.87 6.53 3.18
N VAL A 151 38.70 5.92 2.33
CA VAL A 151 38.74 4.47 2.19
C VAL A 151 40.17 4.02 2.40
N LYS A 152 40.34 2.95 3.16
CA LYS A 152 41.65 2.31 3.30
C LYS A 152 41.54 0.83 3.01
N LEU A 153 42.65 0.24 2.58
CA LEU A 153 42.73 -1.18 2.21
C LEU A 153 43.86 -1.86 2.99
N LYS A 154 43.59 -3.05 3.51
CA LYS A 154 44.59 -3.80 4.27
C LYS A 154 44.75 -5.19 3.69
N LYS A 155 45.99 -5.55 3.35
CA LYS A 155 46.32 -6.92 2.95
C LYS A 155 46.42 -7.82 4.19
N ARG A 156 46.28 -9.13 3.96
CA ARG A 156 46.05 -10.03 5.10
C ARG A 156 47.30 -10.24 5.94
N GLY A 157 48.47 -10.17 5.31
CA GLY A 157 49.72 -10.43 6.00
C GLY A 157 50.44 -9.22 6.53
N SER A 158 49.83 -8.03 6.44
CA SER A 158 50.51 -6.81 6.82
C SER A 158 49.58 -5.88 7.59
N ASP A 159 50.12 -5.28 8.66
CA ASP A 159 49.36 -4.34 9.48
C ASP A 159 49.01 -3.07 8.71
N THR A 160 49.72 -2.76 7.63
CA THR A 160 49.65 -1.43 7.06
C THR A 160 48.33 -1.21 6.34
N LYS A 161 47.73 -0.04 6.56
CA LYS A 161 46.52 0.36 5.90
C LYS A 161 46.86 1.42 4.86
N TYR A 162 46.43 1.20 3.63
CA TYR A 162 46.80 2.04 2.50
C TYR A 162 45.62 2.93 2.10
N LEU A 163 45.89 4.23 2.00
CA LEU A 163 44.87 5.18 1.57
C LEU A 163 44.46 4.90 0.13
N ALA A 164 43.17 4.64 -0.10
CA ALA A 164 42.70 4.30 -1.43
C ALA A 164 41.93 5.46 -2.06
N THR A 165 41.74 5.35 -3.39
CA THR A 165 40.99 6.30 -4.19
C THR A 165 39.78 5.60 -4.80
N VAL A 166 38.60 6.20 -4.67
CA VAL A 166 37.40 5.65 -5.31
C VAL A 166 37.35 6.18 -6.73
N LEU A 167 37.43 5.27 -7.69
CA LEU A 167 37.42 5.65 -9.10
C LEU A 167 36.02 5.79 -9.67
N ALA A 168 35.12 4.84 -9.38
CA ALA A 168 33.74 4.92 -9.84
C ALA A 168 32.86 4.06 -8.94
N ILE A 169 31.59 4.46 -8.83
CA ILE A 169 30.59 3.75 -8.04
C ILE A 169 29.45 3.32 -8.93
N GLY A 170 29.27 2.01 -9.09
CA GLY A 170 28.12 1.49 -9.80
C GLY A 170 27.04 1.02 -8.84
N THR A 171 26.14 1.92 -8.47
CA THR A 171 25.19 1.55 -7.42
C THR A 171 24.24 0.43 -7.87
N GLU A 172 23.74 0.51 -9.11
CA GLU A 172 22.77 -0.48 -9.58
C GLU A 172 23.32 -1.89 -9.59
N CYS A 173 24.62 -2.05 -9.87
CA CYS A 173 25.28 -3.36 -9.85
C CYS A 173 26.04 -3.61 -8.55
N ASP A 174 25.97 -2.69 -7.59
CA ASP A 174 26.69 -2.80 -6.32
C ASP A 174 28.18 -3.07 -6.48
N ILE A 175 28.84 -2.30 -7.35
CA ILE A 175 30.28 -2.41 -7.55
C ILE A 175 30.95 -1.05 -7.33
N ALA A 176 32.06 -1.05 -6.61
CA ALA A 176 32.94 0.10 -6.54
C ALA A 176 34.31 -0.28 -7.08
N LEU A 177 34.94 0.66 -7.77
CA LEU A 177 36.25 0.48 -8.38
C LEU A 177 37.24 1.42 -7.70
N LEU A 178 38.26 0.87 -7.05
CA LEU A 178 39.24 1.65 -6.30
C LEU A 178 40.63 1.47 -6.85
N THR A 179 41.50 2.42 -6.50
CA THR A 179 42.93 2.31 -6.75
C THR A 179 43.67 2.81 -5.51
N VAL A 180 45.00 2.68 -5.54
CA VAL A 180 45.88 3.04 -4.43
C VAL A 180 47.17 3.64 -5.01
N THR A 181 47.61 4.78 -4.48
CA THR A 181 48.82 5.39 -5.02
C THR A 181 50.08 4.65 -4.55
N ASP A 182 50.13 4.29 -3.28
CA ASP A 182 51.28 3.61 -2.70
C ASP A 182 51.62 2.35 -3.49
N ASP A 183 52.82 2.33 -4.08
CA ASP A 183 53.21 1.17 -4.88
C ASP A 183 53.48 -0.05 -3.99
N GLU A 184 53.88 0.18 -2.74
CA GLU A 184 54.11 -0.92 -1.81
C GLU A 184 52.87 -1.81 -1.65
N PHE A 185 51.67 -1.23 -1.80
CA PHE A 185 50.45 -2.02 -1.62
C PHE A 185 50.29 -3.03 -2.75
N TRP A 186 50.57 -2.60 -3.99
CA TRP A 186 50.45 -3.46 -5.16
C TRP A 186 51.56 -4.51 -5.24
N GLU A 187 52.77 -4.18 -4.79
CA GLU A 187 53.94 -5.01 -5.08
C GLU A 187 53.79 -6.42 -4.54
N GLY A 188 53.99 -7.40 -5.42
CA GLY A 188 54.06 -8.80 -5.03
C GLY A 188 52.76 -9.54 -4.89
N VAL A 189 51.63 -8.98 -5.32
CA VAL A 189 50.37 -9.69 -5.33
C VAL A 189 50.02 -10.04 -6.77
N SER A 190 49.65 -11.28 -6.99
CA SER A 190 49.18 -11.66 -8.32
C SER A 190 47.70 -11.32 -8.44
N PRO A 191 47.29 -10.56 -9.45
CA PRO A 191 45.91 -10.07 -9.50
C PRO A 191 44.92 -11.17 -9.84
N VAL A 192 43.72 -11.05 -9.28
CA VAL A 192 42.62 -11.96 -9.60
C VAL A 192 42.29 -11.90 -11.08
N GLU A 193 42.04 -13.07 -11.66
CA GLU A 193 41.67 -13.17 -13.07
C GLU A 193 40.28 -13.79 -13.22
N PHE A 194 39.56 -13.32 -14.23
CA PHE A 194 38.13 -13.60 -14.34
C PHE A 194 37.86 -14.79 -15.25
N GLY A 195 36.92 -15.65 -14.83
CA GLY A 195 36.49 -16.78 -15.61
C GLY A 195 35.15 -16.56 -16.30
N ASP A 196 34.70 -17.62 -16.97
CA ASP A 196 33.49 -17.59 -17.77
C ASP A 196 32.25 -17.69 -16.88
N LEU A 197 31.12 -17.27 -17.43
CA LEU A 197 29.87 -17.35 -16.71
C LEU A 197 29.63 -18.80 -16.33
N PRO A 198 29.51 -19.11 -15.04
CA PRO A 198 29.41 -20.50 -14.63
C PRO A 198 28.13 -21.18 -15.08
N ALA A 199 28.21 -22.51 -15.14
CA ALA A 199 27.08 -23.39 -15.33
C ALA A 199 26.41 -23.68 -14.00
N LEU A 200 25.13 -24.05 -14.06
CA LEU A 200 24.40 -24.45 -12.87
C LEU A 200 25.12 -25.60 -12.18
N GLN A 201 25.06 -25.58 -10.84
CA GLN A 201 25.66 -26.59 -9.97
C GLN A 201 27.18 -26.63 -10.03
N ASP A 202 27.81 -25.71 -10.78
CA ASP A 202 29.26 -25.58 -10.69
C ASP A 202 29.67 -25.18 -9.28
N ALA A 203 30.84 -25.68 -8.87
CA ALA A 203 31.40 -25.32 -7.57
C ALA A 203 31.88 -23.86 -7.56
N VAL A 204 31.64 -23.18 -6.45
CA VAL A 204 32.09 -21.79 -6.29
C VAL A 204 32.67 -21.63 -4.88
N THR A 205 33.79 -20.91 -4.78
CA THR A 205 34.44 -20.65 -3.50
C THR A 205 34.53 -19.15 -3.27
N VAL A 206 33.93 -18.66 -2.18
CA VAL A 206 33.89 -17.23 -1.87
C VAL A 206 34.92 -16.92 -0.78
N VAL A 207 35.80 -15.97 -1.05
CA VAL A 207 36.91 -15.63 -0.17
C VAL A 207 36.70 -14.21 0.36
N GLY A 208 36.72 -14.06 1.68
CA GLY A 208 36.56 -12.74 2.28
C GLY A 208 36.99 -12.69 3.73
N TYR A 209 36.46 -11.71 4.46
CA TYR A 209 36.79 -11.55 5.87
C TYR A 209 35.54 -11.57 6.74
N PRO A 210 35.60 -12.19 7.92
CA PRO A 210 34.46 -12.14 8.84
C PRO A 210 34.13 -10.72 9.26
N ILE A 211 32.96 -10.57 9.89
CA ILE A 211 32.57 -9.29 10.48
C ILE A 211 33.52 -8.97 11.62
N GLY A 212 34.13 -7.79 11.56
CA GLY A 212 35.04 -7.34 12.61
C GLY A 212 36.31 -8.15 12.75
N GLY A 213 36.58 -9.04 11.80
CA GLY A 213 37.75 -9.90 11.83
C GLY A 213 38.69 -9.54 10.69
N ASP A 214 39.98 -9.75 10.92
CA ASP A 214 41.00 -9.43 9.92
C ASP A 214 41.70 -10.68 9.38
N THR A 215 41.13 -11.86 9.62
CA THR A 215 41.64 -13.11 9.07
C THR A 215 40.78 -13.58 7.88
N ILE A 216 41.41 -14.35 6.99
CA ILE A 216 40.72 -14.82 5.78
C ILE A 216 39.65 -15.85 6.14
N SER A 217 38.47 -15.70 5.56
CA SER A 217 37.38 -16.66 5.66
C SER A 217 37.07 -17.22 4.29
N VAL A 218 36.75 -18.52 4.24
CA VAL A 218 36.53 -19.23 2.98
C VAL A 218 35.20 -19.98 3.07
N THR A 219 34.34 -19.76 2.07
CA THR A 219 32.97 -20.27 2.08
C THR A 219 32.72 -20.96 0.75
N SER A 220 32.11 -22.15 0.81
CA SER A 220 31.95 -22.96 -0.38
C SER A 220 30.48 -23.14 -0.70
N GLY A 221 30.19 -23.30 -1.98
CA GLY A 221 28.84 -23.55 -2.42
C GLY A 221 28.82 -23.93 -3.88
N VAL A 222 27.61 -24.08 -4.39
CA VAL A 222 27.39 -24.30 -5.82
C VAL A 222 26.51 -23.17 -6.34
N VAL A 223 26.66 -22.89 -7.64
CA VAL A 223 25.72 -22.00 -8.32
C VAL A 223 24.37 -22.73 -8.39
N SER A 224 23.36 -22.21 -7.69
CA SER A 224 22.08 -22.89 -7.72
C SER A 224 21.14 -22.36 -8.80
N ARG A 225 21.29 -21.11 -9.25
CA ARG A 225 20.43 -20.69 -10.36
C ARG A 225 20.86 -19.35 -10.92
N MET A 226 20.58 -19.16 -12.20
N MET A 226 20.56 -19.14 -12.19
CA MET A 226 20.59 -17.84 -12.82
CA MET A 226 20.67 -17.82 -12.79
C MET A 226 19.45 -17.01 -12.28
C MET A 226 19.46 -17.00 -12.41
N GLU A 227 19.65 -15.69 -12.25
CA GLU A 227 18.57 -14.84 -11.82
C GLU A 227 18.74 -13.44 -12.39
N ILE A 228 17.60 -12.78 -12.60
CA ILE A 228 17.52 -11.34 -12.82
C ILE A 228 17.03 -10.75 -11.51
N LEU A 229 17.79 -9.83 -10.92
CA LEU A 229 17.38 -9.28 -9.62
C LEU A 229 17.91 -7.88 -9.44
N SER A 230 17.26 -7.15 -8.55
CA SER A 230 17.75 -5.85 -8.11
C SER A 230 18.86 -6.06 -7.09
N TYR A 231 19.95 -5.33 -7.24
CA TYR A 231 20.96 -5.26 -6.19
C TYR A 231 20.70 -4.11 -5.23
N VAL A 232 19.90 -3.13 -5.63
CA VAL A 232 19.35 -2.11 -4.76
C VAL A 232 17.83 -2.18 -4.93
N HIS A 233 17.12 -2.38 -3.83
CA HIS A 233 15.66 -2.55 -3.91
C HIS A 233 15.03 -1.38 -4.64
N GLY A 234 14.11 -1.68 -5.55
CA GLY A 234 13.46 -0.63 -6.32
C GLY A 234 14.28 -0.12 -7.49
N SER A 235 15.46 -0.65 -7.71
CA SER A 235 16.36 -0.23 -8.76
C SER A 235 16.43 -1.29 -9.85
N THR A 236 17.19 -1.00 -10.89
CA THR A 236 17.09 -1.78 -12.12
C THR A 236 17.63 -3.20 -11.93
N GLU A 237 16.90 -4.18 -12.48
CA GLU A 237 17.20 -5.59 -12.28
C GLU A 237 18.25 -6.07 -13.27
N LEU A 238 19.24 -6.80 -12.77
CA LEU A 238 20.39 -7.24 -13.56
C LEU A 238 20.66 -8.72 -13.38
N LEU A 239 21.47 -9.27 -14.29
CA LEU A 239 21.92 -10.65 -14.19
C LEU A 239 22.65 -10.88 -12.88
N GLY A 240 22.38 -12.02 -12.26
CA GLY A 240 23.09 -12.42 -11.06
C GLY A 240 23.16 -13.92 -10.94
N LEU A 241 24.10 -14.38 -10.13
CA LEU A 241 24.23 -15.80 -9.80
C LEU A 241 23.70 -16.02 -8.40
N GLN A 242 22.83 -17.00 -8.24
CA GLN A 242 22.41 -17.42 -6.91
C GLN A 242 23.22 -18.65 -6.50
N ILE A 243 23.75 -18.63 -5.28
CA ILE A 243 24.59 -19.69 -4.75
C ILE A 243 24.02 -20.16 -3.41
N ASP A 244 24.25 -21.44 -3.08
CA ASP A 244 23.70 -22.02 -1.86
C ASP A 244 24.54 -21.73 -0.62
N ALA A 245 25.46 -20.78 -0.70
CA ALA A 245 26.27 -20.35 0.43
C ALA A 245 25.80 -18.98 0.91
N ALA A 246 25.58 -18.83 2.21
CA ALA A 246 25.15 -17.55 2.73
C ALA A 246 26.30 -16.57 2.73
N ILE A 247 25.94 -15.29 2.62
CA ILE A 247 26.90 -14.19 2.60
C ILE A 247 26.51 -13.24 3.70
N ASN A 248 27.48 -12.69 4.38
CA ASN A 248 27.16 -11.75 5.38
C ASN A 248 28.11 -10.66 5.24
N SER A 249 27.80 -9.57 5.91
CA SER A 249 28.63 -8.42 5.99
C SER A 249 30.02 -8.96 6.17
N GLY A 250 31.01 -8.31 5.67
CA GLY A 250 32.30 -8.90 5.85
C GLY A 250 32.77 -9.49 4.58
N ASN A 251 32.22 -10.61 4.16
CA ASN A 251 32.65 -11.23 2.92
C ASN A 251 32.09 -10.72 1.58
N SER A 252 30.97 -10.01 1.60
CA SER A 252 30.38 -9.34 0.45
C SER A 252 31.39 -8.36 -0.13
N GLY A 253 31.65 -8.59 -1.28
CA GLY A 253 32.68 -7.83 -1.95
C GLY A 253 33.94 -8.61 -2.22
N GLY A 254 34.12 -9.75 -1.53
CA GLY A 254 35.20 -10.66 -1.84
C GLY A 254 34.96 -11.38 -3.14
N PRO A 255 36.00 -11.98 -3.71
CA PRO A 255 35.84 -12.67 -4.99
C PRO A 255 35.26 -14.06 -4.81
N ALA A 256 34.59 -14.52 -5.86
CA ALA A 256 34.05 -15.87 -5.93
C ALA A 256 34.76 -16.60 -7.05
N PHE A 257 35.37 -17.74 -6.72
CA PHE A 257 36.21 -18.48 -7.65
C PHE A 257 35.54 -19.77 -8.07
N ASN A 258 35.74 -20.15 -9.34
CA ASN A 258 35.39 -21.49 -9.79
C ASN A 258 36.56 -22.44 -9.50
N ASP A 259 36.31 -23.74 -9.69
CA ASP A 259 37.34 -24.72 -9.37
CA ASP A 259 37.34 -24.73 -9.37
C ASP A 259 38.62 -24.56 -10.18
N LYS A 260 38.61 -23.78 -11.26
CA LYS A 260 39.82 -23.52 -12.00
C LYS A 260 40.59 -22.31 -11.47
N GLY A 261 40.23 -21.81 -10.28
CA GLY A 261 40.84 -20.65 -9.67
C GLY A 261 40.54 -19.32 -10.34
N LYS A 262 39.56 -19.28 -11.24
CA LYS A 262 39.15 -18.04 -11.87
C LYS A 262 37.97 -17.42 -11.12
N CYS A 263 37.94 -16.08 -11.08
CA CYS A 263 36.87 -15.36 -10.42
C CYS A 263 35.66 -15.26 -11.34
N VAL A 264 34.52 -15.74 -10.86
CA VAL A 264 33.27 -15.66 -11.60
C VAL A 264 32.34 -14.54 -11.08
N GLY A 265 32.84 -13.66 -10.19
CA GLY A 265 32.10 -12.49 -9.78
C GLY A 265 32.37 -12.08 -8.34
N ILE A 266 31.58 -11.08 -7.89
CA ILE A 266 31.73 -10.41 -6.60
C ILE A 266 30.62 -10.89 -5.67
N ALA A 267 30.98 -11.35 -4.47
CA ALA A 267 29.93 -11.82 -3.57
C ALA A 267 29.02 -10.66 -3.14
N PHE A 268 27.77 -10.99 -2.84
CA PHE A 268 26.73 -10.00 -2.57
C PHE A 268 25.79 -10.61 -1.55
N GLN A 269 25.59 -9.95 -0.42
CA GLN A 269 24.69 -10.48 0.61
C GLN A 269 23.24 -10.25 0.21
N SER A 270 22.42 -11.29 0.33
CA SER A 270 21.02 -11.19 -0.05
C SER A 270 20.29 -10.14 0.78
N LEU A 271 19.49 -9.33 0.10
CA LEU A 271 18.60 -8.38 0.77
C LEU A 271 17.29 -9.02 1.23
N LYS A 272 16.89 -10.13 0.61
CA LYS A 272 15.56 -10.71 0.79
C LYS A 272 15.59 -12.04 1.53
N HIS A 273 16.68 -12.37 2.22
CA HIS A 273 16.81 -13.65 2.89
C HIS A 273 17.50 -13.47 4.24
N GLU A 274 16.97 -14.16 5.25
CA GLU A 274 17.63 -14.22 6.55
C GLU A 274 18.94 -15.00 6.44
N ASP A 275 19.90 -14.64 7.28
CA ASP A 275 21.26 -15.18 7.17
C ASP A 275 21.29 -16.70 7.29
N ALA A 276 20.29 -17.30 7.95
CA ALA A 276 20.27 -18.74 8.16
C ALA A 276 19.71 -19.52 6.98
N GLU A 277 19.10 -18.85 6.00
CA GLU A 277 18.62 -19.55 4.81
C GLU A 277 19.75 -20.03 3.93
N ASN A 278 20.98 -19.63 4.22
CA ASN A 278 22.17 -20.01 3.46
C ASN A 278 21.94 -19.85 1.97
N ILE A 279 21.65 -18.61 1.58
CA ILE A 279 21.52 -18.26 0.19
C ILE A 279 22.17 -16.89 -0.03
N GLY A 280 22.95 -16.78 -1.09
CA GLY A 280 23.64 -15.55 -1.39
C GLY A 280 23.73 -15.39 -2.89
N TYR A 281 24.25 -14.24 -3.30
CA TYR A 281 24.37 -13.96 -4.71
C TYR A 281 25.79 -13.60 -5.08
N VAL A 282 26.09 -13.75 -6.37
CA VAL A 282 27.36 -13.34 -6.94
C VAL A 282 27.06 -12.43 -8.13
N ILE A 283 27.54 -11.19 -8.08
CA ILE A 283 27.46 -10.29 -9.22
C ILE A 283 28.36 -10.86 -10.31
N PRO A 284 27.83 -11.30 -11.46
CA PRO A 284 28.63 -12.09 -12.40
C PRO A 284 29.55 -11.24 -13.26
N THR A 285 30.50 -11.93 -13.89
CA THR A 285 31.53 -11.25 -14.69
C THR A 285 30.97 -10.41 -15.84
N PRO A 286 29.92 -10.79 -16.56
CA PRO A 286 29.44 -9.87 -17.61
C PRO A 286 28.89 -8.57 -17.05
N VAL A 287 28.34 -8.60 -15.84
CA VAL A 287 27.95 -7.33 -15.21
C VAL A 287 29.20 -6.55 -14.84
N ILE A 288 30.19 -7.23 -14.28
CA ILE A 288 31.45 -6.59 -13.91
C ILE A 288 32.10 -5.98 -15.13
N VAL A 289 32.09 -6.75 -16.24
CA VAL A 289 32.73 -6.29 -17.46
C VAL A 289 31.98 -5.09 -18.02
N HIS A 290 30.65 -5.11 -17.89
CA HIS A 290 29.86 -3.95 -18.30
C HIS A 290 30.31 -2.70 -17.55
N PHE A 291 30.54 -2.84 -16.25
CA PHE A 291 30.85 -1.68 -15.41
C PHE A 291 32.27 -1.16 -15.67
N ILE A 292 33.26 -2.05 -15.76
CA ILE A 292 34.62 -1.59 -16.04
C ILE A 292 34.70 -1.01 -17.45
N GLN A 293 34.23 -1.75 -18.47
CA GLN A 293 34.24 -1.21 -19.83
C GLN A 293 33.49 0.12 -19.93
N ASP A 294 32.38 0.26 -19.20
CA ASP A 294 31.65 1.52 -19.16
C ASP A 294 32.54 2.65 -18.63
N TYR A 295 33.22 2.41 -17.51
CA TYR A 295 34.13 3.42 -16.96
C TYR A 295 35.28 3.70 -17.92
N GLU A 296 35.92 2.64 -18.44
CA GLU A 296 37.07 2.81 -19.32
C GLU A 296 36.74 3.62 -20.57
N LYS A 297 35.48 3.70 -20.97
CA LYS A 297 35.08 4.41 -22.18
C LYS A 297 34.61 5.83 -21.90
N HIS A 298 33.90 6.07 -20.81
CA HIS A 298 33.28 7.36 -20.55
C HIS A 298 33.94 8.12 -19.42
N ASP A 299 34.99 7.55 -18.81
CA ASP A 299 35.62 8.08 -17.58
C ASP A 299 34.59 8.32 -16.47
N LYS A 300 33.52 7.52 -16.46
CA LYS A 300 32.48 7.62 -15.45
C LYS A 300 31.48 6.48 -15.64
N TYR A 301 30.78 6.17 -14.56
CA TYR A 301 29.67 5.24 -14.61
C TYR A 301 28.49 5.91 -15.33
N THR A 302 27.86 5.18 -16.26
CA THR A 302 26.71 5.68 -16.99
C THR A 302 25.47 4.80 -16.82
N GLY A 303 25.49 3.83 -15.90
CA GLY A 303 24.27 3.08 -15.54
C GLY A 303 23.98 1.93 -16.49
N PHE A 304 22.80 1.34 -16.29
CA PHE A 304 22.27 0.23 -17.08
C PHE A 304 20.96 0.65 -17.71
N PRO A 305 20.79 0.51 -19.02
CA PRO A 305 19.58 1.02 -19.66
C PRO A 305 18.38 0.12 -19.39
N VAL A 306 17.19 0.73 -19.55
CA VAL A 306 15.91 0.04 -19.51
C VAL A 306 15.13 0.45 -20.75
N LEU A 307 14.09 -0.31 -21.08
CA LEU A 307 13.26 0.09 -22.20
C LEU A 307 12.18 1.09 -21.78
N GLY A 308 11.77 1.07 -20.52
CA GLY A 308 10.77 1.99 -20.04
C GLY A 308 9.35 1.53 -20.22
N ILE A 309 9.10 0.22 -20.15
CA ILE A 309 7.76 -0.31 -20.32
C ILE A 309 7.44 -1.32 -19.22
N GLU A 310 6.14 -1.48 -18.98
CA GLU A 310 5.56 -2.60 -18.25
C GLU A 310 4.79 -3.47 -19.25
N TRP A 311 4.69 -4.77 -18.97
CA TRP A 311 4.15 -5.70 -19.94
C TRP A 311 3.32 -6.78 -19.25
N GLN A 312 2.54 -7.46 -20.07
CA GLN A 312 1.61 -8.48 -19.66
C GLN A 312 1.82 -9.70 -20.53
N LYS A 313 1.82 -10.89 -19.94
CA LYS A 313 2.03 -12.09 -20.72
C LYS A 313 0.93 -12.23 -21.76
N MET A 314 1.22 -13.03 -22.78
CA MET A 314 0.28 -13.32 -23.86
C MET A 314 0.01 -14.81 -23.94
N GLU A 315 -0.18 -15.45 -22.80
CA GLU A 315 -0.27 -16.90 -22.88
C GLU A 315 -1.67 -17.38 -23.23
N ASN A 316 -2.67 -16.53 -23.14
CA ASN A 316 -4.00 -16.97 -23.49
C ASN A 316 -4.20 -16.89 -25.00
N PRO A 317 -4.65 -17.98 -25.65
CA PRO A 317 -4.81 -17.93 -27.11
C PRO A 317 -5.90 -16.98 -27.61
N ASP A 318 -6.98 -16.76 -26.86
CA ASP A 318 -7.98 -15.80 -27.33
C ASP A 318 -7.44 -14.38 -27.31
N LEU A 319 -6.64 -14.05 -26.31
CA LEU A 319 -5.97 -12.76 -26.30
C LEU A 319 -5.08 -12.60 -27.54
N ARG A 320 -4.35 -13.65 -27.91
CA ARG A 320 -3.46 -13.55 -29.06
C ARG A 320 -4.27 -13.40 -30.35
N LYS A 321 -5.29 -14.23 -30.53
CA LYS A 321 -6.10 -14.13 -31.74
C LYS A 321 -6.75 -12.75 -31.86
N SER A 322 -7.31 -12.25 -30.76
CA SER A 322 -8.03 -10.98 -30.82
C SER A 322 -7.13 -9.81 -31.16
N MET A 323 -5.81 -10.00 -31.16
N MET A 323 -5.82 -9.98 -31.16
CA MET A 323 -4.87 -8.94 -31.48
CA MET A 323 -4.97 -8.86 -31.56
C MET A 323 -4.16 -9.17 -32.80
C MET A 323 -4.11 -9.21 -32.78
N GLY A 324 -4.58 -10.15 -33.59
CA GLY A 324 -4.01 -10.40 -34.89
C GLY A 324 -2.76 -11.24 -34.93
N MET A 325 -2.41 -11.94 -33.85
CA MET A 325 -1.14 -12.65 -33.83
C MET A 325 -1.29 -13.94 -34.62
N GLU A 326 -0.42 -14.13 -35.60
CA GLU A 326 -0.35 -15.40 -36.30
C GLU A 326 0.08 -16.49 -35.34
N SER A 327 -0.28 -17.72 -35.68
CA SER A 327 -0.09 -18.82 -34.76
C SER A 327 1.38 -19.08 -34.41
N HIS A 328 2.33 -18.64 -35.25
CA HIS A 328 3.74 -18.83 -34.91
C HIS A 328 4.31 -17.71 -34.05
N GLN A 329 3.61 -16.59 -33.90
CA GLN A 329 4.15 -15.44 -33.19
C GLN A 329 3.87 -15.54 -31.70
N LYS A 330 4.77 -14.95 -30.91
CA LYS A 330 4.68 -14.94 -29.47
C LYS A 330 5.40 -13.69 -28.98
N GLY A 331 5.08 -13.27 -27.76
CA GLY A 331 5.65 -12.06 -27.21
C GLY A 331 4.80 -11.56 -26.05
N VAL A 332 4.99 -10.28 -25.71
CA VAL A 332 4.30 -9.70 -24.57
C VAL A 332 3.65 -8.38 -24.96
N ARG A 333 2.53 -8.09 -24.32
CA ARG A 333 1.75 -6.89 -24.55
C ARG A 333 2.28 -5.77 -23.67
N ILE A 334 2.46 -4.58 -24.24
CA ILE A 334 2.87 -3.38 -23.51
C ILE A 334 1.68 -2.82 -22.73
N ARG A 335 1.79 -2.80 -21.39
CA ARG A 335 0.70 -2.27 -20.57
C ARG A 335 0.77 -0.76 -20.46
N ARG A 336 1.97 -0.21 -20.33
CA ARG A 336 2.13 1.19 -20.03
C ARG A 336 3.57 1.55 -20.39
N ILE A 337 3.78 2.81 -20.76
CA ILE A 337 5.10 3.31 -21.15
C ILE A 337 5.44 4.51 -20.28
N GLU A 338 6.67 4.55 -19.77
CA GLU A 338 7.13 5.69 -18.97
C GLU A 338 7.01 6.98 -19.77
N PRO A 339 6.25 7.97 -19.30
CA PRO A 339 6.23 9.27 -19.99
C PRO A 339 7.62 9.86 -20.22
N THR A 340 8.56 9.59 -19.31
CA THR A 340 9.89 10.19 -19.38
C THR A 340 10.92 9.30 -20.04
N ALA A 341 10.49 8.29 -20.79
CA ALA A 341 11.41 7.57 -21.67
C ALA A 341 11.01 7.94 -23.09
N PRO A 342 11.37 9.16 -23.54
CA PRO A 342 10.80 9.66 -24.80
C PRO A 342 11.18 8.84 -26.01
N GLU A 343 12.38 8.25 -26.02
CA GLU A 343 12.75 7.41 -27.16
C GLU A 343 11.81 6.23 -27.30
N SER A 344 11.12 5.85 -26.21
CA SER A 344 10.20 4.74 -26.22
C SER A 344 8.77 5.15 -26.56
N GLN A 345 8.45 6.45 -26.61
CA GLN A 345 7.10 6.82 -27.04
C GLN A 345 6.81 6.45 -28.48
N VAL A 346 7.83 6.08 -29.27
CA VAL A 346 7.55 5.46 -30.56
C VAL A 346 6.77 4.17 -30.35
N LEU A 347 6.90 3.55 -29.18
CA LEU A 347 6.07 2.40 -28.84
C LEU A 347 4.76 2.90 -28.29
N LYS A 348 3.78 2.01 -28.23
CA LYS A 348 2.45 2.40 -27.80
C LYS A 348 1.79 1.28 -27.00
N PRO A 349 0.90 1.63 -26.08
CA PRO A 349 0.22 0.60 -25.30
C PRO A 349 -0.45 -0.41 -26.21
N SER A 350 -0.42 -1.65 -25.79
CA SER A 350 -0.96 -2.78 -26.51
C SER A 350 -0.19 -3.15 -27.77
N ASP A 351 0.97 -2.52 -28.03
CA ASP A 351 1.92 -3.17 -28.92
C ASP A 351 2.26 -4.56 -28.37
N ILE A 352 2.56 -5.49 -29.24
CA ILE A 352 3.06 -6.79 -28.82
C ILE A 352 4.54 -6.82 -29.16
N ILE A 353 5.40 -6.86 -28.15
CA ILE A 353 6.83 -6.95 -28.42
C ILE A 353 7.16 -8.39 -28.83
N LEU A 354 7.63 -8.56 -30.06
CA LEU A 354 7.87 -9.88 -30.62
C LEU A 354 9.31 -10.36 -30.46
N SER A 355 10.25 -9.44 -30.45
CA SER A 355 11.67 -9.78 -30.39
C SER A 355 12.42 -8.54 -29.99
N PHE A 356 13.64 -8.74 -29.55
CA PHE A 356 14.50 -7.63 -29.15
C PHE A 356 15.89 -7.94 -29.68
N ASP A 357 16.46 -7.01 -30.45
CA ASP A 357 17.74 -7.26 -31.12
C ASP A 357 17.80 -8.62 -31.78
N GLY A 358 16.71 -9.03 -32.43
CA GLY A 358 16.69 -10.29 -33.15
C GLY A 358 16.27 -11.48 -32.31
N VAL A 359 16.40 -11.41 -30.99
CA VAL A 359 16.11 -12.58 -30.17
C VAL A 359 14.60 -12.70 -29.99
N ASN A 360 14.06 -13.89 -30.27
CA ASN A 360 12.62 -14.14 -30.19
C ASN A 360 12.17 -14.21 -28.74
N ILE A 361 11.14 -13.44 -28.39
CA ILE A 361 10.60 -13.36 -27.03
C ILE A 361 9.33 -14.19 -26.94
N ALA A 362 9.23 -15.03 -25.91
CA ALA A 362 8.10 -15.92 -25.76
C ALA A 362 6.92 -15.21 -25.10
N ASN A 363 5.79 -15.92 -25.01
CA ASN A 363 4.60 -15.37 -24.39
C ASN A 363 4.74 -15.08 -22.90
N ASP A 364 5.67 -15.71 -22.21
CA ASP A 364 5.91 -15.45 -20.80
C ASP A 364 7.03 -14.45 -20.58
N GLY A 365 7.53 -13.81 -21.64
CA GLY A 365 8.59 -12.83 -21.54
C GLY A 365 9.99 -13.41 -21.46
N THR A 366 10.15 -14.73 -21.62
CA THR A 366 11.46 -15.35 -21.61
C THR A 366 12.06 -15.36 -23.00
N VAL A 367 13.40 -15.36 -23.06
CA VAL A 367 14.17 -15.61 -24.27
C VAL A 367 15.12 -16.77 -24.01
N PRO A 368 15.55 -17.51 -25.03
CA PRO A 368 16.58 -18.52 -24.80
C PRO A 368 17.86 -17.86 -24.29
N PHE A 369 18.54 -18.56 -23.39
CA PHE A 369 19.75 -18.06 -22.75
C PHE A 369 20.95 -18.96 -23.02
N ARG A 370 20.82 -20.25 -22.73
CA ARG A 370 21.82 -21.26 -23.02
C ARG A 370 21.09 -22.57 -23.27
N HIS A 371 21.85 -23.62 -23.56
CA HIS A 371 21.26 -24.95 -23.71
C HIS A 371 20.33 -25.28 -22.56
N GLY A 372 19.05 -25.46 -22.88
CA GLY A 372 18.08 -25.86 -21.89
C GLY A 372 17.76 -24.79 -20.87
N GLU A 373 18.08 -23.54 -21.16
CA GLU A 373 17.94 -22.46 -20.18
C GLU A 373 17.25 -21.25 -20.81
N ARG A 374 16.28 -20.70 -20.08
CA ARG A 374 15.53 -19.54 -20.51
C ARG A 374 15.53 -18.53 -19.38
N ILE A 375 15.58 -17.25 -19.75
CA ILE A 375 15.68 -16.16 -18.80
C ILE A 375 14.84 -15.00 -19.34
N GLY A 376 14.55 -14.03 -18.46
CA GLY A 376 13.69 -12.94 -18.85
C GLY A 376 14.36 -12.06 -19.89
N PHE A 377 13.56 -11.44 -20.76
CA PHE A 377 14.16 -10.73 -21.88
C PHE A 377 14.91 -9.47 -21.45
N SER A 378 14.76 -9.03 -20.20
N SER A 378 14.75 -9.03 -20.20
CA SER A 378 15.42 -7.80 -19.79
CA SER A 378 15.41 -7.80 -19.76
C SER A 378 16.93 -7.94 -19.77
C SER A 378 16.93 -7.94 -19.74
N TYR A 379 17.45 -9.18 -19.69
CA TYR A 379 18.90 -9.35 -19.76
C TYR A 379 19.44 -8.91 -21.11
N LEU A 380 18.65 -9.06 -22.18
CA LEU A 380 19.08 -8.51 -23.47
C LEU A 380 19.24 -7.00 -23.40
N ILE A 381 18.46 -6.33 -22.56
CA ILE A 381 18.47 -4.88 -22.49
C ILE A 381 19.56 -4.38 -21.56
N SER A 382 19.64 -4.96 -20.37
CA SER A 382 20.58 -4.42 -19.40
C SER A 382 22.03 -4.77 -19.72
N GLN A 383 22.28 -5.67 -20.68
CA GLN A 383 23.66 -5.93 -21.10
C GLN A 383 24.17 -4.88 -22.06
N LYS A 384 23.29 -4.04 -22.60
CA LYS A 384 23.71 -2.93 -23.44
C LYS A 384 24.16 -1.75 -22.58
N TYR A 385 24.74 -0.77 -23.24
CA TYR A 385 25.19 0.45 -22.58
C TYR A 385 24.19 1.57 -22.78
N THR A 386 24.07 2.43 -21.78
CA THR A 386 23.23 3.60 -21.91
C THR A 386 23.67 4.37 -23.16
N GLY A 387 22.69 4.78 -23.97
CA GLY A 387 22.94 5.35 -25.27
C GLY A 387 22.93 4.38 -26.43
N ASP A 388 23.12 3.08 -26.17
CA ASP A 388 23.00 2.09 -27.22
C ASP A 388 21.58 2.06 -27.78
N SER A 389 21.46 1.64 -29.03
CA SER A 389 20.15 1.49 -29.63
C SER A 389 19.81 0.01 -29.75
N ALA A 390 18.52 -0.27 -29.82
CA ALA A 390 18.04 -1.64 -29.85
C ALA A 390 16.91 -1.81 -30.83
N LEU A 391 16.95 -2.90 -31.59
CA LEU A 391 15.89 -3.22 -32.54
C LEU A 391 14.75 -3.89 -31.82
N VAL A 392 13.60 -3.23 -31.81
CA VAL A 392 12.40 -3.77 -31.18
C VAL A 392 11.36 -4.01 -32.28
N LYS A 393 10.83 -5.21 -32.32
CA LYS A 393 9.85 -5.58 -33.32
C LYS A 393 8.54 -5.80 -32.60
N VAL A 394 7.50 -5.08 -33.01
CA VAL A 394 6.19 -5.17 -32.39
C VAL A 394 5.15 -5.53 -33.43
N LEU A 395 4.04 -6.06 -32.94
CA LEU A 395 2.79 -6.14 -33.68
C LEU A 395 1.94 -4.96 -33.23
N ARG A 396 1.53 -4.13 -34.18
CA ARG A 396 0.66 -2.98 -33.90
C ARG A 396 -0.48 -3.06 -34.90
N ASN A 397 -1.70 -3.18 -34.39
CA ASN A 397 -2.88 -3.24 -35.25
C ASN A 397 -2.70 -4.32 -36.31
N LYS A 398 -2.38 -5.51 -35.83
CA LYS A 398 -2.22 -6.72 -36.63
C LYS A 398 -1.14 -6.62 -37.68
N GLU A 399 -0.26 -5.61 -37.59
CA GLU A 399 0.82 -5.41 -38.55
C GLU A 399 2.17 -5.29 -37.84
N ILE A 400 3.22 -5.78 -38.49
CA ILE A 400 4.55 -5.81 -37.89
C ILE A 400 5.26 -4.49 -38.12
N LEU A 401 5.80 -3.91 -37.06
CA LEU A 401 6.63 -2.73 -37.14
C LEU A 401 7.95 -3.02 -36.46
N GLU A 402 8.97 -2.28 -36.84
CA GLU A 402 10.31 -2.46 -36.28
C GLU A 402 10.82 -1.09 -35.91
N PHE A 403 11.38 -0.95 -34.72
CA PHE A 403 11.86 0.34 -34.27
C PHE A 403 13.27 0.20 -33.75
N ASN A 404 14.03 1.24 -33.98
CA ASN A 404 15.39 1.39 -33.45
C ASN A 404 15.29 2.45 -32.36
N ILE A 405 15.51 2.04 -31.12
CA ILE A 405 15.18 2.87 -29.97
C ILE A 405 16.47 3.12 -29.19
N LYS A 406 16.79 4.40 -28.96
CA LYS A 406 17.91 4.74 -28.10
C LYS A 406 17.51 4.46 -26.64
N LEU A 407 18.37 3.74 -25.92
CA LEU A 407 18.05 3.26 -24.58
C LEU A 407 18.63 4.20 -23.54
N ALA A 408 17.87 4.43 -22.47
CA ALA A 408 18.29 5.31 -21.38
C ALA A 408 18.06 4.61 -20.05
N ILE A 409 18.55 5.25 -18.98
CA ILE A 409 18.34 4.74 -17.64
C ILE A 409 16.92 5.07 -17.18
N HIS A 410 16.48 4.32 -16.17
CA HIS A 410 15.16 4.49 -15.59
C HIS A 410 15.11 5.67 -14.61
N LYS A 411 14.13 6.54 -14.80
CA LYS A 411 13.88 7.65 -13.88
C LYS A 411 12.62 7.29 -13.08
N ARG A 412 12.79 7.08 -11.79
CA ARG A 412 11.70 6.68 -10.89
C ARG A 412 11.15 7.90 -10.17
N LEU A 413 9.82 7.98 -10.07
CA LEU A 413 9.23 9.12 -9.37
C LEU A 413 9.74 9.20 -7.95
N ILE A 414 9.68 8.08 -7.23
CA ILE A 414 10.29 7.93 -5.91
C ILE A 414 11.60 7.15 -6.06
N PRO A 415 12.73 7.84 -6.12
CA PRO A 415 13.97 7.17 -6.53
C PRO A 415 14.47 6.17 -5.50
N ALA A 416 15.09 5.10 -5.99
CA ALA A 416 15.63 4.07 -5.12
C ALA A 416 16.84 4.55 -4.35
N HIS A 417 17.51 5.58 -4.84
CA HIS A 417 18.65 6.18 -4.17
C HIS A 417 18.87 7.51 -4.86
N ILE A 418 19.70 8.36 -4.25
CA ILE A 418 19.96 9.66 -4.88
C ILE A 418 21.46 9.86 -5.10
N SER A 419 22.18 8.75 -5.36
CA SER A 419 23.58 8.79 -5.81
C SER A 419 24.52 9.41 -4.79
N GLY A 420 24.24 9.21 -3.49
CA GLY A 420 25.07 9.82 -2.47
C GLY A 420 24.96 11.32 -2.35
N LYS A 421 24.12 11.99 -3.16
CA LYS A 421 23.92 13.42 -3.04
C LYS A 421 23.15 13.74 -1.76
N PRO A 422 23.19 14.99 -1.30
CA PRO A 422 22.45 15.33 -0.11
C PRO A 422 20.99 15.51 -0.43
N PRO A 423 20.09 15.06 0.44
CA PRO A 423 18.67 15.20 0.17
C PRO A 423 18.27 16.66 0.20
N SER A 424 17.32 17.01 -0.66
CA SER A 424 16.91 18.39 -0.80
C SER A 424 15.81 18.71 0.22
N TYR A 425 15.85 19.91 0.75
CA TYR A 425 14.84 20.37 1.69
C TYR A 425 14.71 21.88 1.58
N PHE A 426 13.58 22.37 2.08
CA PHE A 426 13.29 23.79 2.08
C PHE A 426 12.37 24.03 3.28
N ILE A 427 12.64 25.10 4.02
CA ILE A 427 11.91 25.40 5.25
C ILE A 427 11.32 26.80 5.16
N VAL A 428 10.08 26.93 5.57
CA VAL A 428 9.47 28.24 5.79
C VAL A 428 8.53 28.11 6.98
N ALA A 429 8.67 29.03 7.94
CA ALA A 429 7.80 29.08 9.10
C ALA A 429 7.83 27.77 9.88
N GLY A 430 8.96 27.07 9.84
CA GLY A 430 9.05 25.79 10.51
C GLY A 430 8.45 24.62 9.75
N PHE A 431 7.81 24.87 8.60
CA PHE A 431 7.39 23.79 7.74
C PHE A 431 8.59 23.25 6.98
N VAL A 432 8.86 21.96 7.14
CA VAL A 432 9.97 21.29 6.47
C VAL A 432 9.42 20.61 5.23
N PHE A 433 9.73 21.13 4.06
CA PHE A 433 9.41 20.48 2.79
C PHE A 433 10.60 19.68 2.27
N THR A 434 10.36 18.44 1.88
CA THR A 434 11.38 17.57 1.32
C THR A 434 10.72 16.71 0.25
N THR A 435 11.51 15.85 -0.42
CA THR A 435 10.93 14.97 -1.43
C THR A 435 11.01 13.53 -0.95
N VAL A 436 10.16 12.69 -1.50
CA VAL A 436 10.06 11.30 -1.09
C VAL A 436 10.92 10.42 -1.99
N SER A 437 11.86 9.72 -1.38
CA SER A 437 12.66 8.69 -2.03
C SER A 437 12.60 7.45 -1.17
N VAL A 438 13.23 6.36 -1.62
CA VAL A 438 13.31 5.15 -0.81
C VAL A 438 14.11 5.39 0.47
N PRO A 439 15.31 5.99 0.43
CA PRO A 439 16.00 6.27 1.70
C PRO A 439 15.19 7.13 2.64
N TYR A 440 14.41 8.09 2.12
CA TYR A 440 13.52 8.85 3.00
C TYR A 440 12.51 7.95 3.67
N LEU A 441 11.82 7.12 2.89
CA LEU A 441 10.84 6.19 3.46
C LEU A 441 11.47 5.21 4.44
N ARG A 442 12.67 4.74 4.14
CA ARG A 442 13.34 3.81 5.06
C ARG A 442 13.67 4.49 6.36
N SER A 443 14.21 5.70 6.27
CA SER A 443 14.60 6.44 7.46
C SER A 443 13.38 6.88 8.28
N GLU A 444 12.22 7.05 7.64
CA GLU A 444 11.02 7.49 8.35
C GLU A 444 10.24 6.33 8.96
N TYR A 445 10.23 5.17 8.31
CA TYR A 445 9.37 4.07 8.72
C TYR A 445 10.09 2.75 8.98
N GLY A 446 11.42 2.70 8.85
CA GLY A 446 12.17 1.49 9.13
C GLY A 446 12.19 0.50 7.99
N LYS A 447 12.69 -0.71 8.31
CA LYS A 447 12.88 -1.75 7.31
C LYS A 447 11.57 -2.16 6.66
N GLU A 448 10.47 -2.15 7.41
CA GLU A 448 9.19 -2.59 6.87
C GLU A 448 8.39 -1.45 6.25
N TYR A 449 9.04 -0.38 5.78
CA TYR A 449 8.33 0.79 5.26
C TYR A 449 7.34 0.43 4.17
N GLU A 450 7.54 -0.68 3.45
CA GLU A 450 6.59 -1.05 2.41
C GLU A 450 5.26 -1.52 2.97
N PHE A 451 5.17 -1.68 4.29
CA PHE A 451 3.91 -1.94 4.95
C PHE A 451 3.52 -0.87 5.95
N ASP A 452 4.46 -0.06 6.46
CA ASP A 452 4.16 0.89 7.54
C ASP A 452 4.05 2.33 7.07
N ALA A 453 4.54 2.67 5.89
CA ALA A 453 4.41 4.02 5.35
C ALA A 453 2.94 4.28 4.98
N PRO A 454 2.54 5.55 4.91
CA PRO A 454 1.17 5.86 4.52
C PRO A 454 0.85 5.24 3.17
N VAL A 455 -0.39 4.76 3.04
CA VAL A 455 -0.84 4.16 1.81
C VAL A 455 -0.78 5.14 0.64
N LYS A 456 -1.05 6.42 0.90
CA LYS A 456 -0.89 7.41 -0.18
C LYS A 456 0.52 7.36 -0.76
N LEU A 457 1.54 7.27 0.11
CA LEU A 457 2.90 7.22 -0.40
C LEU A 457 3.22 5.87 -1.02
N LEU A 458 2.76 4.77 -0.39
CA LEU A 458 3.02 3.45 -0.94
C LEU A 458 2.47 3.31 -2.34
N GLU A 459 1.25 3.81 -2.57
CA GLU A 459 0.71 3.83 -3.93
C GLU A 459 1.71 4.41 -4.91
N LYS A 460 2.32 5.54 -4.56
CA LYS A 460 3.17 6.23 -5.54
C LYS A 460 4.48 5.50 -5.72
N HIS A 461 4.97 4.89 -4.63
CA HIS A 461 6.16 4.07 -4.66
C HIS A 461 5.95 2.85 -5.55
N LEU A 462 4.85 2.13 -5.36
CA LEU A 462 4.65 0.89 -6.08
C LEU A 462 4.12 1.08 -7.50
N HIS A 463 3.40 2.18 -7.80
CA HIS A 463 2.60 2.21 -9.01
C HIS A 463 2.73 3.47 -9.85
N ALA A 464 3.15 4.59 -9.31
CA ALA A 464 3.13 5.81 -10.09
C ALA A 464 4.31 5.85 -11.03
N MET A 465 4.09 6.43 -12.20
CA MET A 465 5.17 6.81 -13.11
C MET A 465 5.35 8.32 -13.06
N ALA A 466 6.60 8.75 -13.09
CA ALA A 466 6.86 10.18 -13.29
C ALA A 466 6.22 10.65 -14.59
N GLN A 467 5.49 11.75 -14.52
CA GLN A 467 4.89 12.34 -15.71
C GLN A 467 5.81 13.34 -16.41
N SER A 468 6.95 13.67 -15.81
CA SER A 468 7.89 14.60 -16.40
C SER A 468 9.27 14.31 -15.83
N VAL A 469 10.30 14.75 -16.56
CA VAL A 469 11.67 14.41 -16.25
C VAL A 469 12.11 14.98 -14.91
N ASP A 470 11.46 16.05 -14.45
CA ASP A 470 11.83 16.71 -13.20
C ASP A 470 10.74 16.58 -12.13
N GLU A 471 9.74 15.73 -12.32
CA GLU A 471 8.67 15.63 -11.32
C GLU A 471 9.23 15.03 -10.03
N GLN A 472 8.73 15.53 -8.90
CA GLN A 472 9.08 14.97 -7.60
C GLN A 472 7.85 14.90 -6.72
N LEU A 473 7.80 13.89 -5.86
CA LEU A 473 6.79 13.88 -4.82
C LEU A 473 7.27 14.77 -3.70
N VAL A 474 6.61 15.90 -3.52
CA VAL A 474 6.95 16.85 -2.47
C VAL A 474 6.04 16.62 -1.28
N VAL A 475 6.61 16.60 -0.08
CA VAL A 475 5.82 16.44 1.14
C VAL A 475 6.24 17.50 2.15
N VAL A 476 5.30 17.87 3.00
CA VAL A 476 5.59 18.39 4.33
C VAL A 476 6.12 17.22 5.14
N SER A 477 7.39 17.28 5.52
CA SER A 477 7.98 16.22 6.34
C SER A 477 7.56 16.36 7.80
N GLN A 478 7.72 17.56 8.37
CA GLN A 478 7.32 17.82 9.73
C GLN A 478 7.16 19.33 9.90
N VAL A 479 6.61 19.72 11.04
CA VAL A 479 6.47 21.12 11.39
C VAL A 479 7.31 21.40 12.63
N LEU A 480 8.30 22.28 12.49
CA LEU A 480 9.11 22.71 13.64
C LEU A 480 8.27 23.70 14.44
N VAL A 481 7.89 23.29 15.64
CA VAL A 481 6.87 23.96 16.42
C VAL A 481 7.29 25.38 16.80
N SER A 482 6.37 26.33 16.62
CA SER A 482 6.57 27.75 16.88
C SER A 482 5.20 28.42 16.87
N ASP A 483 5.14 29.66 17.36
CA ASP A 483 3.88 30.40 17.41
C ASP A 483 3.27 30.56 16.02
N ILE A 484 4.10 30.86 15.02
CA ILE A 484 3.57 31.13 13.69
C ILE A 484 2.79 29.95 13.12
N ASN A 485 3.01 28.72 13.61
CA ASN A 485 2.40 27.56 12.99
C ASN A 485 1.52 26.77 13.96
N ILE A 486 1.11 27.41 15.05
CA ILE A 486 0.08 26.90 15.97
C ILE A 486 -1.06 26.26 15.19
N GLY A 487 -1.50 25.08 15.61
CA GLY A 487 -2.60 24.40 14.95
C GLY A 487 -2.19 23.49 13.82
N TYR A 488 -0.91 23.44 13.47
CA TYR A 488 -0.44 22.67 12.33
C TYR A 488 0.57 21.61 12.73
N GLU A 489 0.86 21.47 14.03
CA GLU A 489 2.02 20.72 14.48
C GLU A 489 1.92 19.24 14.19
N GLU A 490 0.72 18.72 13.92
CA GLU A 490 0.55 17.29 13.72
C GLU A 490 0.79 16.84 12.27
N ILE A 491 1.13 17.75 11.35
CA ILE A 491 1.21 17.37 9.94
C ILE A 491 2.53 16.67 9.71
N VAL A 492 2.47 15.45 9.17
CA VAL A 492 3.63 14.61 8.93
CA VAL A 492 3.65 14.65 8.90
C VAL A 492 3.49 13.93 7.57
N ASN A 493 4.56 13.98 6.77
CA ASN A 493 4.68 13.22 5.51
C ASN A 493 3.40 13.25 4.70
N THR A 494 3.02 14.46 4.30
CA THR A 494 1.80 14.68 3.55
C THR A 494 2.15 15.44 2.28
N GLN A 495 1.75 14.91 1.13
CA GLN A 495 2.11 15.52 -0.13
C GLN A 495 1.54 16.94 -0.24
N VAL A 496 2.37 17.86 -0.72
CA VAL A 496 1.92 19.16 -1.16
C VAL A 496 1.58 19.06 -2.65
N VAL A 497 0.36 19.42 -3.03
CA VAL A 497 -0.06 19.30 -4.42
C VAL A 497 -0.24 20.65 -5.13
N ALA A 498 -0.40 21.75 -4.40
CA ALA A 498 -0.59 23.04 -5.06
C ALA A 498 -0.27 24.16 -4.10
N PHE A 499 0.16 25.29 -4.66
CA PHE A 499 0.46 26.48 -3.88
C PHE A 499 -0.20 27.69 -4.53
N ASN A 500 -1.14 28.31 -3.82
CA ASN A 500 -1.93 29.43 -4.35
C ASN A 500 -2.49 29.09 -5.72
N GLY A 501 -3.21 27.97 -5.79
CA GLY A 501 -3.87 27.55 -6.99
C GLY A 501 -3.00 26.94 -8.06
N LYS A 502 -1.67 26.93 -7.90
CA LYS A 502 -0.85 26.40 -8.98
C LYS A 502 -0.23 25.05 -8.61
N PRO A 503 -0.19 24.09 -9.52
CA PRO A 503 0.30 22.75 -9.16
C PRO A 503 1.76 22.78 -8.77
N VAL A 504 2.14 21.89 -7.86
CA VAL A 504 3.52 21.74 -7.45
C VAL A 504 4.09 20.58 -8.24
N LYS A 505 5.13 20.86 -9.04
CA LYS A 505 5.79 19.80 -9.79
C LYS A 505 6.99 19.22 -9.05
N ASN A 506 7.75 20.05 -8.33
CA ASN A 506 8.87 19.52 -7.59
C ASN A 506 9.28 20.55 -6.56
N LEU A 507 10.32 20.22 -5.81
CA LEU A 507 10.70 21.02 -4.65
C LEU A 507 11.22 22.38 -5.06
N LYS A 508 12.04 22.42 -6.11
CA LYS A 508 12.56 23.69 -6.59
C LYS A 508 11.44 24.59 -7.07
N GLY A 509 10.45 24.03 -7.75
CA GLY A 509 9.30 24.81 -8.13
C GLY A 509 8.59 25.39 -6.93
N LEU A 510 8.36 24.57 -5.90
CA LEU A 510 7.70 25.09 -4.71
C LEU A 510 8.56 26.13 -4.02
N ALA A 511 9.88 25.91 -3.98
CA ALA A 511 10.74 26.92 -3.37
C ALA A 511 10.69 28.24 -4.15
N GLY A 512 10.52 28.16 -5.47
CA GLY A 512 10.39 29.38 -6.25
C GLY A 512 9.08 30.10 -6.01
N MET A 513 7.97 29.36 -5.95
CA MET A 513 6.66 29.97 -5.71
C MET A 513 6.58 30.61 -4.34
N VAL A 514 7.26 30.04 -3.33
CA VAL A 514 7.24 30.65 -2.01
C VAL A 514 8.10 31.91 -1.98
N GLU A 515 9.23 31.90 -2.68
CA GLU A 515 10.10 33.08 -2.70
C GLU A 515 9.42 34.26 -3.41
N ASN A 516 8.77 34.01 -4.54
CA ASN A 516 8.15 35.04 -5.35
C ASN A 516 6.68 35.27 -5.02
N CYS A 517 6.22 34.76 -3.89
CA CYS A 517 4.82 34.95 -3.53
C CYS A 517 4.61 36.39 -3.10
N GLU A 518 3.71 37.10 -3.80
CA GLU A 518 3.34 38.46 -3.44
C GLU A 518 1.96 38.55 -2.80
N ASP A 519 1.19 37.46 -2.81
CA ASP A 519 -0.14 37.49 -2.24
C ASP A 519 -0.07 37.65 -0.73
N GLU A 520 -1.17 38.15 -0.16
CA GLU A 520 -1.25 38.31 1.29
C GLU A 520 -1.03 37.00 2.01
N TYR A 521 -1.50 35.89 1.42
CA TYR A 521 -1.48 34.60 2.09
C TYR A 521 -0.76 33.56 1.22
N MET A 522 -0.14 32.61 1.92
CA MET A 522 0.39 31.40 1.31
C MET A 522 -0.59 30.28 1.62
N LYS A 523 -1.18 29.70 0.59
CA LYS A 523 -2.19 28.65 0.75
C LYS A 523 -1.68 27.36 0.12
N PHE A 524 -1.30 26.40 0.95
CA PHE A 524 -0.82 25.12 0.46
C PHE A 524 -1.97 24.12 0.41
N ASN A 525 -2.18 23.51 -0.75
CA ASN A 525 -3.10 22.39 -0.87
C ASN A 525 -2.32 21.12 -0.58
N LEU A 526 -2.71 20.43 0.48
CA LEU A 526 -2.12 19.17 0.87
C LEU A 526 -3.05 18.03 0.49
N ASP A 527 -2.50 16.84 0.53
CA ASP A 527 -3.26 15.61 0.40
C ASP A 527 -4.31 15.50 1.51
N TYR A 528 -5.26 14.57 1.31
CA TYR A 528 -6.40 14.39 2.21
C TYR A 528 -7.27 15.66 2.29
N ASP A 529 -7.26 16.49 1.26
CA ASP A 529 -8.14 17.65 1.16
C ASP A 529 -7.91 18.60 2.33
N GLN A 530 -6.66 18.78 2.71
CA GLN A 530 -6.26 19.74 3.71
C GLN A 530 -5.63 20.96 3.04
N ILE A 531 -5.68 22.08 3.76
CA ILE A 531 -5.01 23.29 3.35
C ILE A 531 -4.18 23.78 4.52
N VAL A 532 -3.07 24.43 4.20
CA VAL A 532 -2.30 25.16 5.18
C VAL A 532 -2.26 26.60 4.73
N VAL A 533 -2.67 27.52 5.60
CA VAL A 533 -2.68 28.94 5.27
C VAL A 533 -1.76 29.66 6.25
N LEU A 534 -0.89 30.49 5.71
CA LEU A 534 0.01 31.28 6.51
C LEU A 534 0.03 32.68 5.96
N ASP A 535 0.08 33.66 6.84
CA ASP A 535 0.31 35.03 6.44
C ASP A 535 1.72 35.15 5.85
N THR A 536 1.80 35.60 4.60
CA THR A 536 3.07 35.58 3.88
C THR A 536 4.16 36.35 4.61
N LYS A 537 3.86 37.57 5.07
CA LYS A 537 4.92 38.39 5.65
C LYS A 537 5.40 37.82 6.98
N THR A 538 4.48 37.45 7.87
CA THR A 538 4.90 36.99 9.19
C THR A 538 5.53 35.60 9.14
N ALA A 539 5.19 34.80 8.12
CA ALA A 539 5.75 33.46 8.08
C ALA A 539 7.19 33.49 7.60
N LYS A 540 7.49 34.31 6.59
CA LYS A 540 8.88 34.44 6.16
C LYS A 540 9.75 35.02 7.27
N GLU A 541 9.18 35.91 8.09
CA GLU A 541 9.93 36.49 9.19
C GLU A 541 10.14 35.50 10.32
N ALA A 542 9.23 34.52 10.46
CA ALA A 542 9.35 33.59 11.57
C ALA A 542 10.45 32.58 11.33
N THR A 543 10.84 32.37 10.07
CA THR A 543 11.69 31.25 9.70
C THR A 543 13.03 31.29 10.43
N LEU A 544 13.68 32.45 10.46
CA LEU A 544 15.07 32.53 10.92
C LEU A 544 15.20 32.07 12.37
N ASP A 545 14.30 32.53 13.24
CA ASP A 545 14.40 32.16 14.64
C ASP A 545 14.15 30.67 14.85
N ILE A 546 13.36 30.05 13.97
CA ILE A 546 13.19 28.61 14.05
C ILE A 546 14.49 27.90 13.67
N LEU A 547 15.10 28.28 12.54
CA LEU A 547 16.40 27.75 12.15
C LEU A 547 17.37 27.77 13.32
N THR A 548 17.52 28.94 13.94
CA THR A 548 18.36 29.09 15.11
C THR A 548 18.00 28.09 16.21
N THR A 549 16.71 28.01 16.56
CA THR A 549 16.29 27.10 17.62
C THR A 549 16.75 25.68 17.35
N HIS A 550 16.70 25.23 16.10
CA HIS A 550 17.00 23.85 15.75
C HIS A 550 18.39 23.68 15.16
N CYS A 551 19.21 24.74 15.18
CA CYS A 551 20.57 24.71 14.65
C CYS A 551 20.57 24.28 13.19
N ILE A 552 19.68 24.89 12.42
CA ILE A 552 19.59 24.63 10.99
C ILE A 552 20.46 25.65 10.27
N PRO A 553 21.54 25.22 9.58
CA PRO A 553 22.44 26.19 8.95
C PRO A 553 21.77 27.10 7.96
N SER A 554 20.86 26.57 7.16
CA SER A 554 20.23 27.34 6.10
C SER A 554 18.79 26.87 5.95
N ALA A 555 17.98 27.73 5.36
CA ALA A 555 16.58 27.42 5.09
C ALA A 555 16.41 26.45 3.95
N MET A 556 17.46 26.17 3.18
CA MET A 556 17.36 25.25 2.06
C MET A 556 18.70 24.56 1.79
N SER A 557 18.59 23.37 1.18
CA SER A 557 19.77 22.71 0.64
C SER A 557 20.37 23.53 -0.49
N ASP A 558 21.69 23.38 -0.68
CA ASP A 558 22.42 24.23 -1.62
C ASP A 558 21.82 24.17 -3.02
N ASP A 559 21.33 23.00 -3.44
CA ASP A 559 20.77 22.84 -4.77
C ASP A 559 19.60 23.77 -5.06
N LEU A 560 19.02 24.40 -4.05
CA LEU A 560 17.93 25.36 -4.21
C LEU A 560 18.39 26.81 -4.04
N LYS A 561 19.65 27.04 -3.68
CA LYS A 561 20.14 28.41 -3.52
C LYS A 561 20.51 29.07 -4.85
N MET B 99 -35.54 -11.92 37.35
CA MET B 99 -34.62 -13.04 37.50
C MET B 99 -35.27 -14.31 36.98
N ASP B 100 -36.59 -14.34 36.94
CA ASP B 100 -37.32 -15.31 36.15
C ASP B 100 -37.61 -14.76 34.75
N ALA B 101 -37.18 -13.53 34.49
CA ALA B 101 -37.19 -12.94 33.16
C ALA B 101 -35.83 -13.00 32.48
N VAL B 102 -34.88 -13.76 33.03
CA VAL B 102 -33.58 -14.02 32.41
C VAL B 102 -33.63 -15.42 31.79
N VAL B 103 -33.40 -15.49 30.48
CA VAL B 103 -33.61 -16.71 29.72
C VAL B 103 -32.27 -17.18 29.13
N LYS B 104 -32.19 -18.47 28.83
CA LYS B 104 -31.01 -19.00 28.16
C LYS B 104 -31.22 -18.92 26.66
N VAL B 105 -30.13 -18.73 25.92
CA VAL B 105 -30.16 -18.46 24.48
C VAL B 105 -29.16 -19.40 23.82
N PHE B 106 -29.65 -20.48 23.22
CA PHE B 106 -28.84 -21.40 22.42
C PHE B 106 -28.83 -20.87 20.99
N CYS B 107 -27.66 -20.64 20.41
CA CYS B 107 -27.60 -20.15 19.03
C CYS B 107 -26.83 -21.12 18.15
N VAL B 108 -27.45 -21.50 17.02
CA VAL B 108 -26.78 -22.19 15.92
C VAL B 108 -26.55 -21.20 14.79
N HIS B 109 -25.30 -21.05 14.37
CA HIS B 109 -24.91 -20.08 13.34
C HIS B 109 -24.53 -20.78 12.05
N THR B 110 -24.97 -20.23 10.93
CA THR B 110 -24.45 -20.62 9.62
C THR B 110 -23.98 -19.35 8.90
N GLU B 111 -22.66 -19.19 8.81
CA GLU B 111 -22.19 -17.91 8.32
C GLU B 111 -21.61 -18.05 6.93
N PRO B 112 -21.74 -17.02 6.09
CA PRO B 112 -21.30 -17.14 4.71
C PRO B 112 -19.78 -17.20 4.64
N ASN B 113 -19.29 -17.79 3.54
CA ASN B 113 -17.88 -17.72 3.19
C ASN B 113 -17.68 -16.53 2.26
N PHE B 114 -17.03 -15.49 2.76
CA PHE B 114 -16.84 -14.33 1.91
C PHE B 114 -15.82 -14.59 0.79
N SER B 115 -14.85 -15.48 1.03
CA SER B 115 -13.90 -15.90 -0.01
C SER B 115 -14.52 -16.83 -1.06
N LEU B 116 -15.52 -17.64 -0.68
CA LEU B 116 -16.24 -18.50 -1.63
C LEU B 116 -17.73 -18.21 -1.44
N PRO B 117 -18.24 -17.15 -2.05
CA PRO B 117 -19.56 -16.62 -1.67
C PRO B 117 -20.72 -17.55 -1.97
N TRP B 118 -20.52 -18.62 -2.73
CA TRP B 118 -21.58 -19.56 -2.99
C TRP B 118 -21.75 -20.59 -1.89
N GLN B 119 -20.96 -20.54 -0.81
CA GLN B 119 -21.06 -21.57 0.20
C GLN B 119 -21.27 -20.98 1.58
N ARG B 120 -21.74 -21.85 2.48
CA ARG B 120 -21.99 -21.52 3.88
CA ARG B 120 -21.98 -21.50 3.88
C ARG B 120 -21.12 -22.41 4.76
N LYS B 121 -20.44 -21.82 5.73
CA LYS B 121 -19.59 -22.60 6.60
C LYS B 121 -20.40 -23.60 7.41
N ARG B 122 -19.69 -24.50 8.06
CA ARG B 122 -20.33 -25.52 8.88
C ARG B 122 -21.05 -24.89 10.07
N GLN B 123 -22.27 -25.35 10.33
CA GLN B 123 -23.00 -25.04 11.57
C GLN B 123 -22.09 -25.08 12.78
N TYR B 124 -22.19 -24.08 13.64
CA TYR B 124 -21.60 -24.16 14.96
C TYR B 124 -22.56 -23.51 15.95
N SER B 125 -22.36 -23.83 17.22
CA SER B 125 -23.32 -23.46 18.24
C SER B 125 -22.68 -22.53 19.26
N SER B 126 -23.52 -21.63 19.77
CA SER B 126 -23.16 -20.76 20.87
C SER B 126 -24.26 -20.83 21.92
N GLY B 127 -23.86 -20.66 23.17
CA GLY B 127 -24.79 -20.49 24.27
C GLY B 127 -24.67 -19.06 24.75
N SER B 128 -25.81 -18.43 25.04
CA SER B 128 -25.80 -17.09 25.57
C SER B 128 -27.00 -16.89 26.49
N SER B 129 -27.06 -15.71 27.09
N SER B 129 -27.06 -15.71 27.09
CA SER B 129 -28.18 -15.31 27.94
CA SER B 129 -28.16 -15.31 27.96
C SER B 129 -29.02 -14.24 27.24
C SER B 129 -29.00 -14.23 27.25
N GLY B 130 -30.07 -13.83 27.93
CA GLY B 130 -30.99 -12.84 27.39
C GLY B 130 -31.98 -12.54 28.48
N PHE B 131 -32.90 -11.63 28.19
CA PHE B 131 -33.95 -11.34 29.16
C PHE B 131 -35.16 -10.75 28.47
N ILE B 132 -36.33 -10.94 29.13
CA ILE B 132 -37.65 -10.55 28.65
C ILE B 132 -37.92 -9.11 29.10
N ILE B 133 -38.52 -8.32 28.21
CA ILE B 133 -38.97 -6.97 28.54
C ILE B 133 -40.44 -6.87 28.16
N GLY B 134 -40.99 -5.66 28.23
CA GLY B 134 -42.39 -5.50 27.91
C GLY B 134 -42.67 -5.61 26.42
N GLY B 135 -43.93 -5.90 26.11
CA GLY B 135 -44.41 -5.90 24.74
C GLY B 135 -44.07 -7.13 23.92
N ARG B 136 -43.94 -8.30 24.56
CA ARG B 136 -43.56 -9.54 23.89
C ARG B 136 -42.18 -9.42 23.22
N ARG B 137 -41.19 -8.95 24.00
CA ARG B 137 -39.88 -8.63 23.45
C ARG B 137 -38.78 -9.19 24.34
N VAL B 138 -37.69 -9.66 23.69
CA VAL B 138 -36.53 -10.28 24.33
C VAL B 138 -35.27 -9.57 23.87
N LEU B 139 -34.39 -9.22 24.83
CA LEU B 139 -33.14 -8.50 24.57
C LEU B 139 -31.93 -9.44 24.70
N THR B 140 -30.93 -9.24 23.84
CA THR B 140 -29.68 -10.02 23.80
C THR B 140 -28.60 -9.21 23.06
N ASN B 141 -27.44 -9.84 22.80
CA ASN B 141 -26.35 -9.23 22.02
C ASN B 141 -26.49 -9.52 20.53
N ALA B 142 -25.80 -8.70 19.73
CA ALA B 142 -25.82 -8.89 18.29
C ALA B 142 -24.88 -10.01 17.86
N HIS B 143 -23.62 -9.95 18.34
CA HIS B 143 -22.62 -10.95 18.00
C HIS B 143 -23.02 -12.35 18.45
N SER B 144 -23.90 -12.46 19.43
CA SER B 144 -24.31 -13.77 19.90
C SER B 144 -25.44 -14.37 19.07
N VAL B 145 -26.01 -13.63 18.11
CA VAL B 145 -27.01 -14.22 17.23
C VAL B 145 -26.73 -13.88 15.77
N GLU B 146 -25.52 -13.38 15.49
CA GLU B 146 -25.14 -13.13 14.11
C GLU B 146 -25.15 -14.43 13.30
N HIS B 147 -25.86 -14.39 12.16
CA HIS B 147 -25.99 -15.54 11.27
C HIS B 147 -26.77 -16.67 11.91
N HIS B 148 -27.70 -16.34 12.79
CA HIS B 148 -28.56 -17.35 13.41
C HIS B 148 -29.36 -18.11 12.36
N THR B 149 -29.33 -19.44 12.44
CA THR B 149 -30.24 -20.26 11.68
C THR B 149 -31.39 -20.75 12.51
N GLN B 150 -31.18 -20.80 13.82
CA GLN B 150 -32.21 -21.20 14.76
C GLN B 150 -31.80 -20.66 16.10
N VAL B 151 -32.68 -19.91 16.74
CA VAL B 151 -32.51 -19.50 18.12
C VAL B 151 -33.74 -20.02 18.85
N LYS B 152 -33.52 -20.88 19.82
CA LYS B 152 -34.56 -21.34 20.70
C LYS B 152 -34.28 -20.73 22.07
N LEU B 153 -35.30 -20.56 22.89
CA LEU B 153 -35.10 -19.97 24.20
C LEU B 153 -35.62 -20.92 25.28
N LYS B 154 -34.97 -20.89 26.44
CA LYS B 154 -35.32 -21.78 27.54
C LYS B 154 -35.42 -20.94 28.82
N LYS B 155 -36.60 -20.95 29.44
CA LYS B 155 -36.86 -20.20 30.67
C LYS B 155 -36.11 -20.80 31.87
N ARG B 156 -36.03 -20.01 32.95
N ARG B 156 -36.04 -20.01 32.94
CA ARG B 156 -35.35 -20.48 34.16
CA ARG B 156 -35.46 -20.46 34.20
C ARG B 156 -36.13 -21.62 34.79
C ARG B 156 -36.18 -21.69 34.72
N GLY B 157 -35.42 -22.73 35.04
CA GLY B 157 -35.99 -23.95 35.60
C GLY B 157 -36.96 -24.71 34.72
N SER B 158 -37.11 -24.32 33.46
CA SER B 158 -38.06 -24.97 32.55
C SER B 158 -37.37 -26.12 31.82
N ASP B 159 -38.19 -27.10 31.42
CA ASP B 159 -37.73 -28.25 30.63
C ASP B 159 -37.91 -28.04 29.14
N THR B 160 -38.54 -26.93 28.71
CA THR B 160 -38.87 -26.70 27.32
C THR B 160 -38.00 -25.59 26.73
N LYS B 161 -37.53 -25.81 25.51
CA LYS B 161 -36.85 -24.80 24.71
C LYS B 161 -37.82 -24.28 23.65
N TYR B 162 -38.11 -22.98 23.70
CA TYR B 162 -39.00 -22.36 22.72
C TYR B 162 -38.18 -21.75 21.57
N LEU B 163 -38.50 -22.16 20.34
CA LEU B 163 -38.01 -21.49 19.15
C LEU B 163 -38.37 -20.00 19.18
N ALA B 164 -37.37 -19.15 19.00
CA ALA B 164 -37.54 -17.70 18.98
C ALA B 164 -37.63 -17.19 17.56
N THR B 165 -37.99 -15.92 17.44
CA THR B 165 -37.87 -15.16 16.20
C THR B 165 -37.11 -13.89 16.53
N VAL B 166 -36.00 -13.64 15.84
CA VAL B 166 -35.20 -12.44 16.08
C VAL B 166 -35.89 -11.24 15.43
N LEU B 167 -36.10 -10.18 16.22
CA LEU B 167 -36.84 -9.02 15.73
C LEU B 167 -35.94 -7.99 15.06
N ALA B 168 -34.80 -7.66 15.67
CA ALA B 168 -33.88 -6.67 15.12
C ALA B 168 -32.46 -6.94 15.57
N ILE B 169 -31.50 -6.76 14.66
CA ILE B 169 -30.08 -6.86 14.98
C ILE B 169 -29.43 -5.51 14.75
N GLY B 170 -28.82 -4.96 15.80
CA GLY B 170 -28.18 -3.67 15.72
C GLY B 170 -26.69 -3.84 15.62
N THR B 171 -26.18 -3.97 14.39
CA THR B 171 -24.78 -4.33 14.19
C THR B 171 -23.86 -3.25 14.72
N GLU B 172 -24.08 -2.00 14.30
CA GLU B 172 -23.21 -0.89 14.71
C GLU B 172 -23.09 -0.74 16.22
N CYS B 173 -24.03 -1.32 17.00
CA CYS B 173 -24.03 -1.12 18.44
C CYS B 173 -24.12 -2.43 19.23
N ASP B 174 -23.97 -3.58 18.57
CA ASP B 174 -23.92 -4.91 19.21
C ASP B 174 -25.10 -5.21 20.12
N ILE B 175 -26.32 -5.04 19.60
CA ILE B 175 -27.54 -5.34 20.35
C ILE B 175 -28.52 -6.04 19.41
N ALA B 176 -29.22 -7.04 19.93
CA ALA B 176 -30.26 -7.73 19.17
C ALA B 176 -31.52 -7.85 20.03
N LEU B 177 -32.62 -8.25 19.40
CA LEU B 177 -33.93 -8.22 20.04
C LEU B 177 -34.82 -9.28 19.42
N LEU B 178 -35.34 -10.21 20.23
CA LEU B 178 -36.05 -11.38 19.72
C LEU B 178 -37.46 -11.46 20.30
N THR B 179 -38.22 -12.45 19.80
CA THR B 179 -39.58 -12.72 20.26
C THR B 179 -39.91 -14.20 20.05
N VAL B 180 -41.02 -14.62 20.67
CA VAL B 180 -41.50 -16.00 20.68
C VAL B 180 -43.03 -15.98 20.52
N THR B 181 -43.54 -16.67 19.49
CA THR B 181 -44.97 -16.58 19.19
C THR B 181 -45.83 -17.33 20.20
N ASP B 182 -45.33 -18.43 20.74
CA ASP B 182 -46.10 -19.20 21.72
C ASP B 182 -46.40 -18.36 22.96
N ASP B 183 -47.67 -18.39 23.39
CA ASP B 183 -48.08 -17.60 24.55
C ASP B 183 -47.62 -18.22 25.86
N GLU B 184 -47.46 -19.56 25.91
CA GLU B 184 -47.01 -20.22 27.13
C GLU B 184 -45.64 -19.71 27.57
N PHE B 185 -44.78 -19.35 26.60
CA PHE B 185 -43.49 -18.73 26.89
C PHE B 185 -43.68 -17.44 27.69
N TRP B 186 -44.75 -16.70 27.42
CA TRP B 186 -45.09 -15.47 28.12
C TRP B 186 -46.22 -15.70 29.12
N GLU B 187 -46.00 -16.64 30.05
CA GLU B 187 -47.07 -17.05 30.96
C GLU B 187 -47.33 -15.98 32.02
N GLY B 188 -46.45 -15.89 33.01
CA GLY B 188 -46.57 -14.88 34.05
C GLY B 188 -45.24 -14.40 34.59
N VAL B 207 -26.91 -10.96 35.04
CA VAL B 207 -27.35 -12.27 35.48
C VAL B 207 -27.63 -13.14 34.27
N GLY B 208 -27.03 -14.33 34.27
CA GLY B 208 -27.16 -15.26 33.17
C GLY B 208 -26.80 -16.66 33.59
N TYR B 209 -26.38 -17.46 32.61
CA TYR B 209 -26.22 -18.90 32.76
C TYR B 209 -24.80 -19.31 32.37
N PRO B 210 -24.11 -20.15 33.17
CA PRO B 210 -22.79 -20.65 32.76
C PRO B 210 -22.86 -21.47 31.48
N ILE B 211 -21.70 -21.60 30.83
CA ILE B 211 -21.61 -22.37 29.60
C ILE B 211 -21.88 -23.84 29.92
N GLY B 212 -22.73 -24.48 29.11
CA GLY B 212 -23.13 -25.85 29.39
C GLY B 212 -24.00 -26.05 30.60
N GLY B 213 -24.50 -24.98 31.21
CA GLY B 213 -25.37 -25.08 32.37
C GLY B 213 -26.73 -24.49 32.09
N ASP B 214 -27.74 -24.99 32.81
CA ASP B 214 -29.11 -24.50 32.73
C ASP B 214 -29.54 -23.79 34.02
N THR B 215 -28.59 -23.30 34.80
CA THR B 215 -28.87 -22.70 36.10
C THR B 215 -28.31 -21.28 36.15
N ILE B 216 -29.01 -20.40 36.87
CA ILE B 216 -28.69 -18.97 36.87
C ILE B 216 -27.41 -18.72 37.64
N SER B 217 -26.61 -17.78 37.14
CA SER B 217 -25.39 -17.32 37.79
C SER B 217 -25.46 -15.82 37.97
N VAL B 218 -24.77 -15.31 38.99
CA VAL B 218 -24.75 -13.88 39.28
C VAL B 218 -23.36 -13.47 39.73
N THR B 219 -22.60 -12.82 38.84
CA THR B 219 -21.26 -12.36 39.17
C THR B 219 -21.29 -10.91 39.64
N GLY B 221 -15.78 -9.07 36.10
CA GLY B 221 -14.99 -8.47 37.16
C GLY B 221 -15.53 -7.12 37.57
N VAL B 222 -14.63 -6.15 37.74
CA VAL B 222 -14.97 -4.78 38.13
C VAL B 222 -16.22 -4.26 37.41
N VAL B 223 -17.08 -3.54 38.14
CA VAL B 223 -18.27 -2.86 37.63
C VAL B 223 -18.37 -1.53 38.39
N SER B 224 -18.35 -0.41 37.63
CA SER B 224 -17.58 0.83 37.91
C SER B 224 -16.34 0.93 37.01
N ARG B 225 -15.16 1.21 37.58
CA ARG B 225 -13.88 0.98 36.92
C ARG B 225 -13.78 1.53 35.48
N MET B 226 -14.50 2.61 35.18
CA MET B 226 -14.49 3.16 33.83
C MET B 226 -13.10 3.70 33.49
N GLU B 227 -12.59 3.31 32.32
CA GLU B 227 -11.30 3.65 31.69
C GLU B 227 -10.24 2.56 31.92
N SER B 235 -19.59 2.89 12.17
CA SER B 235 -20.17 4.11 12.77
C SER B 235 -19.64 4.39 14.19
N THR B 236 -19.84 5.63 14.62
CA THR B 236 -19.16 6.23 15.77
C THR B 236 -19.53 5.51 17.08
N GLU B 237 -18.94 6.00 18.14
CA GLU B 237 -18.88 5.26 19.37
C GLU B 237 -20.00 5.63 20.33
N LEU B 238 -20.27 4.69 21.25
CA LEU B 238 -20.45 4.95 22.69
C LEU B 238 -19.08 4.65 23.27
N LEU B 239 -18.60 5.50 24.15
CA LEU B 239 -17.20 5.46 24.59
C LEU B 239 -17.06 5.23 26.11
N GLY B 240 -17.12 3.96 26.52
CA GLY B 240 -16.88 3.56 27.91
C GLY B 240 -15.92 2.39 28.02
N LEU B 241 -14.62 2.65 28.15
CA LEU B 241 -13.60 1.60 28.17
C LEU B 241 -13.38 1.02 29.57
N GLN B 242 -12.86 -0.22 29.59
CA GLN B 242 -12.67 -1.11 30.77
C GLN B 242 -13.98 -1.75 31.24
N GLY B 250 -19.68 -16.69 31.81
CA GLY B 250 -21.13 -16.70 31.70
C GLY B 250 -21.91 -15.58 32.42
N ASN B 251 -22.86 -14.96 31.73
CA ASN B 251 -23.07 -15.19 30.29
C ASN B 251 -23.42 -13.90 29.56
N SER B 252 -22.85 -13.78 28.37
CA SER B 252 -23.12 -12.63 27.52
C SER B 252 -24.58 -12.65 27.07
N GLY B 253 -25.29 -11.57 27.32
CA GLY B 253 -26.66 -11.43 26.87
C GLY B 253 -27.62 -11.02 27.97
N GLY B 254 -27.37 -11.49 29.18
CA GLY B 254 -28.26 -11.27 30.28
C GLY B 254 -28.41 -9.80 30.66
N PRO B 255 -29.23 -9.52 31.67
CA PRO B 255 -29.41 -8.15 32.15
C PRO B 255 -28.16 -7.57 32.83
N VAL B 264 -27.74 -0.58 34.68
CA VAL B 264 -27.27 -1.79 34.02
C VAL B 264 -27.60 -1.81 32.52
N GLY B 265 -27.63 -3.01 31.94
CA GLY B 265 -28.02 -3.19 30.55
C GLY B 265 -27.90 -4.61 30.02
N ILE B 266 -27.00 -4.80 29.06
CA ILE B 266 -26.76 -6.09 28.43
C ILE B 266 -25.27 -6.38 28.51
N ALA B 267 -24.88 -7.32 29.37
CA ALA B 267 -23.51 -7.78 29.40
C ALA B 267 -23.15 -8.48 28.10
N PHE B 268 -21.84 -8.50 27.80
CA PHE B 268 -21.28 -9.28 26.69
C PHE B 268 -19.84 -9.66 27.02
N GLN B 269 -19.45 -10.87 26.66
CA GLN B 269 -18.10 -11.38 26.95
C GLN B 269 -17.75 -12.62 26.13
N TYR B 281 -17.86 -5.47 28.10
CA TYR B 281 -18.37 -4.83 29.31
C TYR B 281 -19.89 -5.01 29.39
N VAL B 282 -20.56 -4.11 30.09
CA VAL B 282 -22.02 -4.02 30.05
C VAL B 282 -22.40 -3.04 28.95
N ILE B 283 -23.33 -3.45 28.09
CA ILE B 283 -23.87 -2.52 27.10
C ILE B 283 -24.69 -1.50 27.87
N PRO B 284 -24.41 -0.20 27.71
CA PRO B 284 -25.14 0.82 28.48
C PRO B 284 -26.57 0.95 27.99
N THR B 285 -27.35 1.66 28.80
CA THR B 285 -28.76 1.91 28.51
C THR B 285 -28.97 3.15 27.64
N PRO B 286 -28.09 4.16 27.62
CA PRO B 286 -28.23 5.20 26.59
C PRO B 286 -28.03 4.71 25.18
N VAL B 287 -27.37 3.57 24.99
CA VAL B 287 -27.30 2.95 23.67
C VAL B 287 -28.53 2.08 23.42
N ILE B 288 -28.88 1.27 24.42
CA ILE B 288 -30.06 0.41 24.31
C ILE B 288 -31.28 1.22 23.91
N VAL B 289 -31.51 2.33 24.61
CA VAL B 289 -32.73 3.13 24.40
C VAL B 289 -32.76 3.67 22.97
N HIS B 290 -31.64 4.22 22.50
CA HIS B 290 -31.57 4.61 21.09
C HIS B 290 -31.91 3.42 20.19
N PHE B 291 -31.29 2.27 20.47
CA PHE B 291 -31.56 1.08 19.66
C PHE B 291 -33.03 0.70 19.73
N ILE B 292 -33.60 0.64 20.93
CA ILE B 292 -35.00 0.26 21.06
C ILE B 292 -35.90 1.32 20.41
N GLN B 293 -35.74 2.57 20.83
CA GLN B 293 -36.60 3.61 20.28
C GLN B 293 -36.51 3.66 18.77
N ASP B 294 -35.34 3.37 18.21
CA ASP B 294 -35.21 3.24 16.77
C ASP B 294 -36.10 2.12 16.25
N TYR B 295 -36.05 0.95 16.89
CA TYR B 295 -36.91 -0.13 16.45
C TYR B 295 -38.38 0.20 16.69
N GLU B 296 -38.71 0.70 17.89
CA GLU B 296 -40.09 1.04 18.25
C GLU B 296 -40.69 2.13 17.36
N LYS B 297 -39.88 2.80 16.53
CA LYS B 297 -40.36 3.83 15.63
C LYS B 297 -40.41 3.33 14.19
N HIS B 298 -39.25 3.04 13.59
CA HIS B 298 -39.19 2.52 12.23
C HIS B 298 -39.78 1.12 12.09
N ASP B 299 -40.06 0.43 13.19
CA ASP B 299 -40.42 -0.99 13.21
C ASP B 299 -39.33 -1.87 12.59
N LYS B 300 -38.14 -1.32 12.39
CA LYS B 300 -36.93 -2.08 12.05
C LYS B 300 -35.75 -1.32 12.63
N TYR B 301 -34.55 -1.85 12.45
CA TYR B 301 -33.34 -1.15 12.84
C TYR B 301 -32.85 -0.29 11.69
N THR B 302 -32.62 1.00 11.94
CA THR B 302 -32.08 1.87 10.89
C THR B 302 -30.68 2.39 11.18
N GLY B 303 -30.11 2.09 12.34
CA GLY B 303 -28.75 2.50 12.60
C GLY B 303 -28.66 3.90 13.17
N PHE B 304 -27.48 4.48 12.99
CA PHE B 304 -27.19 5.78 13.54
C PHE B 304 -26.81 6.72 12.41
N PRO B 305 -27.38 7.92 12.35
CA PRO B 305 -27.09 8.80 11.22
C PRO B 305 -25.70 9.38 11.35
N VAL B 306 -25.21 9.88 10.22
CA VAL B 306 -23.93 10.58 10.16
C VAL B 306 -24.08 11.82 9.29
N LEU B 307 -23.29 12.84 9.59
CA LEU B 307 -23.06 13.94 8.67
C LEU B 307 -21.94 13.50 7.72
N GLY B 308 -22.24 13.39 6.43
CA GLY B 308 -21.30 12.79 5.48
C GLY B 308 -20.16 13.70 5.06
N ILE B 309 -19.41 14.23 6.03
CA ILE B 309 -18.37 15.20 5.79
C ILE B 309 -17.10 14.76 6.48
N GLU B 310 -15.96 15.18 5.91
CA GLU B 310 -14.67 15.14 6.57
C GLU B 310 -14.28 16.58 6.90
N TRP B 311 -13.57 16.77 8.00
CA TRP B 311 -13.31 18.12 8.45
C TRP B 311 -11.86 18.28 8.91
N GLN B 312 -11.44 19.54 8.99
CA GLN B 312 -10.11 19.90 9.42
C GLN B 312 -10.22 20.95 10.53
N LYS B 313 -9.34 20.87 11.53
CA LYS B 313 -9.40 21.81 12.63
C LYS B 313 -9.13 23.22 12.13
N MET B 314 -9.69 24.21 12.85
CA MET B 314 -9.44 25.61 12.56
C MET B 314 -8.70 26.26 13.72
N GLU B 315 -7.61 25.65 14.17
CA GLU B 315 -6.91 26.22 15.31
C GLU B 315 -5.92 27.31 14.94
N ASN B 316 -5.53 27.41 13.69
CA ASN B 316 -4.46 28.34 13.39
C ASN B 316 -5.01 29.74 13.11
N PRO B 317 -4.47 30.77 13.79
CA PRO B 317 -5.00 32.13 13.63
C PRO B 317 -5.08 32.63 12.21
N ASP B 318 -4.00 32.49 11.42
CA ASP B 318 -3.98 32.99 10.04
C ASP B 318 -4.97 32.25 9.16
N LEU B 319 -5.09 30.94 9.35
CA LEU B 319 -6.11 30.19 8.65
C LEU B 319 -7.49 30.78 8.94
N ARG B 320 -7.77 31.05 10.22
N ARG B 320 -7.77 31.03 10.23
CA ARG B 320 -9.06 31.60 10.61
CA ARG B 320 -9.05 31.61 10.64
C ARG B 320 -9.29 32.97 9.98
C ARG B 320 -9.28 32.97 9.99
N LYS B 321 -8.29 33.86 10.10
CA LYS B 321 -8.44 35.20 9.51
C LYS B 321 -8.61 35.14 8.00
N SER B 322 -7.92 34.20 7.33
CA SER B 322 -8.00 34.16 5.88
C SER B 322 -9.38 33.75 5.40
N MET B 323 -10.14 33.05 6.24
CA MET B 323 -11.48 32.63 5.87
C MET B 323 -12.56 33.52 6.46
N GLY B 324 -12.17 34.59 7.15
CA GLY B 324 -13.12 35.57 7.65
C GLY B 324 -13.66 35.30 9.03
N MET B 325 -13.02 34.44 9.80
CA MET B 325 -13.53 34.12 11.13
C MET B 325 -13.12 35.20 12.10
N GLU B 326 -14.12 35.85 12.71
CA GLU B 326 -13.87 36.78 13.80
C GLU B 326 -13.32 36.02 15.01
N SER B 327 -12.65 36.76 15.90
CA SER B 327 -11.89 36.12 16.96
C SER B 327 -12.75 35.25 17.87
N HIS B 328 -14.04 35.58 18.01
CA HIS B 328 -14.91 34.79 18.87
C HIS B 328 -15.46 33.56 18.17
N GLN B 329 -15.31 33.45 16.85
CA GLN B 329 -15.91 32.34 16.13
C GLN B 329 -15.02 31.11 16.20
N LYS B 330 -15.67 29.94 16.28
N LYS B 330 -15.67 29.94 16.26
CA LYS B 330 -14.95 28.67 16.36
CA LYS B 330 -15.00 28.65 16.40
C LYS B 330 -15.73 27.61 15.59
C LYS B 330 -15.75 27.62 15.58
N GLY B 331 -15.02 26.63 15.08
CA GLY B 331 -15.64 25.58 14.29
C GLY B 331 -14.61 24.81 13.48
N VAL B 332 -15.12 23.97 12.57
CA VAL B 332 -14.26 23.11 11.76
C VAL B 332 -14.62 23.26 10.29
N ARG B 333 -13.59 23.10 9.47
CA ARG B 333 -13.62 23.37 8.04
C ARG B 333 -13.90 22.08 7.30
N ILE B 334 -14.90 22.11 6.42
CA ILE B 334 -15.26 20.92 5.67
C ILE B 334 -14.19 20.63 4.62
N ARG B 335 -13.60 19.43 4.69
CA ARG B 335 -12.59 19.03 3.70
C ARG B 335 -13.26 18.50 2.44
N ARG B 336 -14.25 17.64 2.61
CA ARG B 336 -14.85 16.91 1.50
C ARG B 336 -16.22 16.42 1.97
N ILE B 337 -17.14 16.25 1.03
CA ILE B 337 -18.49 15.80 1.36
C ILE B 337 -18.82 14.58 0.53
N GLU B 338 -19.42 13.55 1.16
CA GLU B 338 -19.82 12.33 0.49
C GLU B 338 -20.80 12.66 -0.64
N PRO B 339 -20.50 12.27 -1.89
CA PRO B 339 -21.49 12.48 -2.97
C PRO B 339 -22.84 11.82 -2.75
N THR B 340 -22.91 10.72 -1.99
CA THR B 340 -24.18 10.06 -1.74
C THR B 340 -24.83 10.50 -0.44
N ALA B 341 -24.48 11.67 0.06
CA ALA B 341 -25.19 12.22 1.20
C ALA B 341 -26.11 13.36 0.74
N PRO B 342 -27.29 13.51 1.35
CA PRO B 342 -28.18 14.62 0.95
C PRO B 342 -27.54 15.98 1.16
N GLU B 343 -26.80 16.15 2.26
CA GLU B 343 -26.09 17.37 2.57
C GLU B 343 -25.00 17.70 1.56
N SER B 344 -24.60 16.75 0.71
CA SER B 344 -23.68 17.08 -0.36
C SER B 344 -24.29 18.11 -1.29
N GLN B 345 -25.60 18.26 -1.26
CA GLN B 345 -26.20 19.36 -1.96
C GLN B 345 -25.77 20.63 -1.23
N VAL B 346 -26.33 20.82 -0.03
CA VAL B 346 -26.41 22.14 0.55
C VAL B 346 -25.11 22.59 1.19
N LEU B 347 -24.27 21.68 1.67
CA LEU B 347 -23.01 22.13 2.23
C LEU B 347 -21.94 22.16 1.14
N LYS B 348 -20.91 22.95 1.36
CA LYS B 348 -19.88 23.03 0.35
C LYS B 348 -18.49 22.92 0.98
N PRO B 349 -17.51 22.40 0.22
CA PRO B 349 -16.15 22.33 0.73
C PRO B 349 -15.67 23.70 1.18
N SER B 350 -14.93 23.72 2.26
CA SER B 350 -14.40 24.92 2.93
C SER B 350 -15.47 25.74 3.62
N ASP B 351 -16.71 25.26 3.70
CA ASP B 351 -17.60 25.81 4.73
C ASP B 351 -16.95 25.60 6.08
N ILE B 352 -17.19 26.53 7.00
CA ILE B 352 -16.79 26.35 8.40
C ILE B 352 -18.03 26.00 9.20
N ILE B 353 -18.12 24.77 9.73
CA ILE B 353 -19.24 24.40 10.57
C ILE B 353 -19.09 25.01 11.95
N LEU B 354 -20.04 25.86 12.35
CA LEU B 354 -19.94 26.58 13.61
C LEU B 354 -20.76 25.95 14.72
N SER B 355 -21.88 25.30 14.39
CA SER B 355 -22.78 24.82 15.42
C SER B 355 -23.70 23.77 14.81
N PHE B 356 -24.28 22.95 15.68
CA PHE B 356 -25.17 21.89 15.25
C PHE B 356 -26.32 21.85 16.24
N ASP B 357 -27.55 22.11 15.76
CA ASP B 357 -28.72 22.26 16.62
C ASP B 357 -28.47 23.24 17.75
N GLY B 358 -27.76 24.33 17.45
CA GLY B 358 -27.48 25.32 18.47
C GLY B 358 -26.34 24.99 19.44
N VAL B 359 -25.61 23.90 19.24
CA VAL B 359 -24.46 23.58 20.07
C VAL B 359 -23.20 24.10 19.37
N ASN B 360 -22.44 24.94 20.05
N ASN B 360 -22.44 24.94 20.07
CA ASN B 360 -21.22 25.51 19.45
CA ASN B 360 -21.21 25.49 19.50
C ASN B 360 -20.13 24.45 19.36
C ASN B 360 -20.16 24.40 19.35
N ILE B 361 -19.57 24.31 18.16
CA ILE B 361 -18.51 23.34 17.86
C ILE B 361 -17.17 24.06 17.95
N ALA B 362 -16.23 23.49 18.71
CA ALA B 362 -14.96 24.15 18.95
C ALA B 362 -14.02 24.01 17.75
N ASN B 363 -12.88 24.71 17.81
CA ASN B 363 -11.93 24.65 16.71
C ASN B 363 -11.41 23.23 16.50
N ASP B 364 -11.40 22.40 17.54
CA ASP B 364 -10.92 21.03 17.43
C ASP B 364 -12.05 20.02 17.30
N GLY B 365 -13.24 20.45 16.89
CA GLY B 365 -14.31 19.51 16.62
C GLY B 365 -15.08 19.03 17.82
N THR B 366 -14.80 19.54 19.01
CA THR B 366 -15.50 19.07 20.20
C THR B 366 -16.64 20.00 20.63
N VAL B 367 -17.61 19.42 21.32
CA VAL B 367 -18.70 20.15 21.96
C VAL B 367 -18.63 19.81 23.45
N PRO B 368 -19.28 20.62 24.30
CA PRO B 368 -19.26 20.33 25.74
C PRO B 368 -19.99 19.03 26.05
N PHE B 369 -19.59 18.39 27.17
CA PHE B 369 -20.13 17.08 27.52
C PHE B 369 -20.56 17.01 28.98
N ARG B 370 -19.60 17.17 29.89
CA ARG B 370 -19.88 17.31 31.29
C ARG B 370 -18.88 18.33 31.82
N HIS B 371 -19.04 18.72 33.07
CA HIS B 371 -18.07 19.63 33.64
C HIS B 371 -16.67 19.01 33.55
N GLY B 372 -15.75 19.73 32.91
CA GLY B 372 -14.40 19.23 32.78
C GLY B 372 -14.17 18.24 31.67
N GLU B 373 -15.16 17.98 30.83
CA GLU B 373 -15.02 16.98 29.80
C GLU B 373 -15.71 17.45 28.53
N ARG B 374 -15.06 17.23 27.40
CA ARG B 374 -15.64 17.50 26.09
C ARG B 374 -15.68 16.20 25.30
N ILE B 375 -16.34 16.24 24.15
CA ILE B 375 -16.48 15.08 23.28
C ILE B 375 -16.61 15.57 21.85
N GLY B 376 -16.31 14.70 20.90
CA GLY B 376 -16.36 15.10 19.51
C GLY B 376 -17.79 15.37 19.06
N PHE B 377 -17.96 16.32 18.14
CA PHE B 377 -19.31 16.70 17.77
C PHE B 377 -20.07 15.54 17.14
N SER B 378 -19.37 14.53 16.63
CA SER B 378 -20.04 13.37 16.05
CA SER B 378 -20.07 13.40 16.04
C SER B 378 -20.96 12.69 17.07
N TYR B 379 -20.66 12.84 18.36
CA TYR B 379 -21.53 12.31 19.40
C TYR B 379 -22.93 12.90 19.29
N LEU B 380 -23.03 14.22 19.07
CA LEU B 380 -24.33 14.86 18.87
C LEU B 380 -25.09 14.20 17.74
N ILE B 381 -24.42 13.97 16.61
CA ILE B 381 -25.14 13.49 15.43
C ILE B 381 -25.59 12.05 15.63
N SER B 382 -24.82 11.26 16.38
CA SER B 382 -25.19 9.86 16.56
C SER B 382 -26.32 9.69 17.56
N GLN B 383 -26.56 10.71 18.40
CA GLN B 383 -27.73 10.75 19.27
C GLN B 383 -29.03 10.93 18.48
N LYS B 384 -29.01 11.59 17.33
CA LYS B 384 -30.23 11.75 16.56
C LYS B 384 -30.65 10.41 15.97
N TYR B 385 -31.82 10.41 15.35
CA TYR B 385 -32.35 9.23 14.67
C TYR B 385 -32.31 9.47 13.17
N THR B 386 -32.17 8.39 12.40
CA THR B 386 -32.25 8.48 10.95
C THR B 386 -33.54 9.16 10.52
N GLY B 387 -33.44 10.11 9.59
CA GLY B 387 -34.57 10.86 9.13
C GLY B 387 -34.86 12.14 9.91
N ASP B 388 -34.37 12.25 11.15
CA ASP B 388 -34.43 13.51 11.87
C ASP B 388 -33.79 14.64 11.08
N SER B 389 -34.21 15.85 11.37
CA SER B 389 -33.58 17.05 10.84
C SER B 389 -32.66 17.64 11.89
N ALA B 390 -31.69 18.41 11.42
CA ALA B 390 -30.79 19.10 12.32
C ALA B 390 -30.36 20.39 11.66
N LEU B 391 -30.17 21.42 12.47
CA LEU B 391 -29.77 22.74 11.99
C LEU B 391 -28.26 22.85 12.02
N VAL B 392 -27.64 22.98 10.85
CA VAL B 392 -26.18 23.07 10.73
C VAL B 392 -25.84 24.47 10.29
N LYS B 393 -25.12 25.20 11.14
CA LYS B 393 -24.76 26.59 10.85
C LYS B 393 -23.31 26.67 10.40
N VAL B 394 -23.08 27.31 9.25
CA VAL B 394 -21.75 27.39 8.65
C VAL B 394 -21.38 28.82 8.27
N LEU B 395 -20.09 29.06 8.13
CA LEU B 395 -19.53 30.26 7.52
C LEU B 395 -19.13 29.94 6.08
N ARG B 396 -19.73 30.64 5.13
CA ARG B 396 -19.39 30.50 3.71
C ARG B 396 -19.13 31.88 3.15
N ASN B 397 -17.96 32.05 2.51
CA ASN B 397 -17.55 33.33 1.93
C ASN B 397 -17.83 34.47 2.89
N LYS B 398 -17.39 34.27 4.13
CA LYS B 398 -17.47 35.26 5.20
C LYS B 398 -18.89 35.57 5.66
N GLU B 399 -19.91 34.80 5.23
CA GLU B 399 -21.27 35.00 5.68
C GLU B 399 -21.81 33.78 6.41
N ILE B 400 -22.78 34.00 7.32
CA ILE B 400 -23.36 32.93 8.11
C ILE B 400 -24.61 32.40 7.44
N LEU B 401 -24.66 31.08 7.25
CA LEU B 401 -25.84 30.42 6.70
C LEU B 401 -26.19 29.26 7.62
N GLU B 402 -27.48 28.97 7.73
CA GLU B 402 -27.94 27.89 8.59
C GLU B 402 -28.87 27.01 7.78
N PHE B 403 -28.53 25.74 7.65
CA PHE B 403 -29.26 24.79 6.82
C PHE B 403 -29.94 23.78 7.72
N ASN B 404 -31.11 23.33 7.27
CA ASN B 404 -31.89 22.29 7.91
C ASN B 404 -31.72 21.04 7.08
N ILE B 405 -31.06 20.02 7.64
CA ILE B 405 -30.56 18.88 6.88
C ILE B 405 -31.15 17.61 7.47
N LYS B 406 -31.80 16.82 6.63
CA LYS B 406 -32.37 15.56 7.05
C LYS B 406 -31.26 14.50 7.07
N LEU B 407 -31.05 13.88 8.22
CA LEU B 407 -29.90 13.03 8.44
C LEU B 407 -30.12 11.62 7.90
N ALA B 408 -29.02 10.99 7.49
CA ALA B 408 -29.11 9.72 6.78
C ALA B 408 -28.00 8.76 7.19
N ILE B 409 -28.24 7.50 6.86
CA ILE B 409 -27.26 6.44 7.09
C ILE B 409 -26.08 6.58 6.12
N HIS B 410 -24.89 6.23 6.60
CA HIS B 410 -23.69 6.28 5.78
C HIS B 410 -23.66 5.15 4.76
N LYS B 411 -23.36 5.48 3.51
CA LYS B 411 -23.07 4.48 2.47
C LYS B 411 -21.56 4.49 2.22
N ARG B 412 -20.88 3.44 2.68
CA ARG B 412 -19.45 3.30 2.49
C ARG B 412 -19.16 2.53 1.21
N LEU B 413 -18.13 2.97 0.47
CA LEU B 413 -17.80 2.28 -0.78
C LEU B 413 -17.43 0.83 -0.51
N ILE B 414 -16.54 0.60 0.45
CA ILE B 414 -16.22 -0.74 0.92
C ILE B 414 -16.93 -0.97 2.25
N PRO B 415 -18.13 -1.57 2.24
CA PRO B 415 -18.99 -1.58 3.44
C PRO B 415 -18.33 -2.32 4.58
N ALA B 416 -18.46 -1.74 5.79
CA ALA B 416 -17.91 -2.36 6.98
C ALA B 416 -18.56 -3.71 7.29
N HIS B 417 -19.76 -3.95 6.78
CA HIS B 417 -20.46 -5.22 6.91
C HIS B 417 -21.62 -5.16 5.93
N ILE B 418 -22.32 -6.27 5.75
CA ILE B 418 -23.44 -6.24 4.82
C ILE B 418 -24.74 -6.69 5.47
N SER B 419 -24.90 -6.36 6.76
CA SER B 419 -26.15 -6.56 7.49
C SER B 419 -26.68 -7.98 7.32
N GLY B 420 -25.78 -8.96 7.42
CA GLY B 420 -26.16 -10.35 7.30
C GLY B 420 -26.70 -10.79 5.95
N LYS B 421 -26.77 -9.91 4.95
CA LYS B 421 -27.14 -10.36 3.60
C LYS B 421 -26.07 -11.29 3.05
N PRO B 422 -26.42 -12.20 2.13
CA PRO B 422 -25.41 -13.07 1.54
C PRO B 422 -24.45 -12.26 0.68
N PRO B 423 -23.20 -12.70 0.55
CA PRO B 423 -22.29 -12.04 -0.39
C PRO B 423 -22.68 -12.37 -1.82
N SER B 424 -22.43 -11.43 -2.70
CA SER B 424 -22.79 -11.55 -4.10
C SER B 424 -21.56 -11.96 -4.90
N TYR B 425 -21.81 -12.65 -6.00
CA TYR B 425 -20.76 -13.05 -6.92
C TYR B 425 -21.37 -13.22 -8.29
N PHE B 426 -20.54 -13.05 -9.31
CA PHE B 426 -20.89 -13.36 -10.67
C PHE B 426 -19.70 -14.09 -11.30
N ILE B 427 -19.99 -15.11 -12.09
CA ILE B 427 -18.97 -15.99 -12.68
C ILE B 427 -19.19 -16.11 -14.17
N VAL B 428 -18.11 -15.99 -14.92
CA VAL B 428 -18.14 -16.38 -16.33
C VAL B 428 -16.77 -16.97 -16.66
N ALA B 429 -16.77 -18.13 -17.33
CA ALA B 429 -15.54 -18.80 -17.76
C ALA B 429 -14.52 -18.95 -16.61
N GLY B 430 -15.00 -19.16 -15.38
CA GLY B 430 -14.12 -19.34 -14.22
C GLY B 430 -13.61 -18.06 -13.58
N PHE B 431 -13.91 -16.90 -14.16
CA PHE B 431 -13.58 -15.63 -13.54
C PHE B 431 -14.64 -15.34 -12.47
N VAL B 432 -14.23 -15.31 -11.21
CA VAL B 432 -15.15 -15.01 -10.12
C VAL B 432 -15.09 -13.51 -9.82
N PHE B 433 -16.16 -12.80 -10.13
CA PHE B 433 -16.26 -11.39 -9.77
C PHE B 433 -17.08 -11.27 -8.49
N THR B 434 -16.65 -10.35 -7.63
CA THR B 434 -17.35 -10.08 -6.39
C THR B 434 -17.04 -8.63 -6.01
N THR B 435 -17.62 -8.17 -4.91
CA THR B 435 -17.45 -6.79 -4.47
C THR B 435 -16.63 -6.77 -3.18
N VAL B 436 -15.80 -5.75 -3.04
CA VAL B 436 -14.91 -5.65 -1.90
C VAL B 436 -15.69 -5.07 -0.71
N SER B 437 -15.77 -5.83 0.37
CA SER B 437 -16.24 -5.38 1.66
C SER B 437 -15.14 -5.66 2.68
N VAL B 438 -15.32 -5.12 3.88
CA VAL B 438 -14.41 -5.46 4.98
C VAL B 438 -14.48 -6.94 5.33
N PRO B 439 -15.65 -7.58 5.42
CA PRO B 439 -15.64 -9.04 5.62
C PRO B 439 -14.90 -9.77 4.53
N TYR B 440 -14.97 -9.27 3.30
CA TYR B 440 -14.18 -9.87 2.24
C TYR B 440 -12.69 -9.69 2.48
N LEU B 441 -12.26 -8.44 2.72
CA LEU B 441 -10.83 -8.22 2.98
C LEU B 441 -10.35 -9.03 4.17
N ARG B 442 -11.16 -9.11 5.23
CA ARG B 442 -10.78 -9.89 6.40
C ARG B 442 -10.68 -11.36 6.08
N SER B 443 -11.64 -11.86 5.30
CA SER B 443 -11.64 -13.28 4.94
C SER B 443 -10.51 -13.59 3.97
N GLU B 444 -10.15 -12.63 3.12
CA GLU B 444 -9.09 -12.86 2.14
C GLU B 444 -7.70 -12.79 2.75
N TYR B 445 -7.46 -11.83 3.64
CA TYR B 445 -6.12 -11.45 4.06
C TYR B 445 -5.88 -11.51 5.57
N GLY B 446 -6.87 -11.90 6.37
CA GLY B 446 -6.66 -12.08 7.80
C GLY B 446 -6.91 -10.82 8.60
N LYS B 447 -6.68 -10.94 9.91
CA LYS B 447 -6.98 -9.82 10.80
C LYS B 447 -6.08 -8.62 10.55
N GLU B 448 -4.91 -8.81 9.98
CA GLU B 448 -4.04 -7.69 9.62
C GLU B 448 -4.34 -7.12 8.23
N TYR B 449 -5.56 -7.33 7.70
CA TYR B 449 -5.85 -6.96 6.31
C TYR B 449 -5.51 -5.50 6.02
N GLU B 450 -5.63 -4.61 7.00
CA GLU B 450 -5.26 -3.22 6.76
C GLU B 450 -3.77 -3.04 6.51
N PHE B 451 -2.98 -4.10 6.59
CA PHE B 451 -1.58 -4.04 6.22
C PHE B 451 -1.18 -5.01 5.12
N ASP B 452 -1.91 -6.11 4.95
CA ASP B 452 -1.56 -7.18 4.02
C ASP B 452 -2.32 -7.13 2.71
N ALA B 453 -3.50 -6.51 2.68
CA ALA B 453 -4.26 -6.37 1.45
C ALA B 453 -3.46 -5.56 0.42
N PRO B 454 -3.76 -5.70 -0.87
CA PRO B 454 -3.06 -4.89 -1.86
C PRO B 454 -3.34 -3.40 -1.64
N VAL B 455 -2.29 -2.60 -1.83
CA VAL B 455 -2.35 -1.16 -1.64
C VAL B 455 -3.46 -0.51 -2.48
N LYS B 456 -3.72 -1.01 -3.68
CA LYS B 456 -4.80 -0.43 -4.48
C LYS B 456 -6.13 -0.56 -3.76
N LEU B 457 -6.36 -1.67 -3.09
CA LEU B 457 -7.60 -1.85 -2.35
C LEU B 457 -7.57 -1.06 -1.04
N LEU B 458 -6.43 -1.06 -0.35
CA LEU B 458 -6.31 -0.31 0.90
C LEU B 458 -6.60 1.16 0.67
N GLU B 459 -6.15 1.70 -0.47
CA GLU B 459 -6.45 3.10 -0.77
C GLU B 459 -7.95 3.32 -0.88
N LYS B 460 -8.65 2.41 -1.56
CA LYS B 460 -10.11 2.54 -1.67
C LYS B 460 -10.74 2.46 -0.29
N HIS B 461 -10.28 1.50 0.52
CA HIS B 461 -10.86 1.25 1.84
C HIS B 461 -10.70 2.47 2.74
N LEU B 462 -9.51 3.06 2.77
CA LEU B 462 -9.24 4.16 3.68
C LEU B 462 -9.75 5.50 3.16
N HIS B 463 -9.71 5.71 1.84
CA HIS B 463 -9.79 7.06 1.32
C HIS B 463 -10.84 7.30 0.23
N ALA B 464 -11.41 6.27 -0.38
CA ALA B 464 -12.37 6.51 -1.44
C ALA B 464 -13.77 6.76 -0.89
N MET B 465 -14.49 7.68 -1.52
CA MET B 465 -15.91 7.87 -1.29
C MET B 465 -16.68 7.31 -2.48
N ALA B 466 -17.83 6.69 -2.22
CA ALA B 466 -18.70 6.32 -3.33
C ALA B 466 -19.16 7.57 -4.06
N GLN B 467 -19.06 7.55 -5.39
CA GLN B 467 -19.51 8.65 -6.24
C GLN B 467 -20.93 8.47 -6.73
N SER B 468 -21.54 7.30 -6.50
CA SER B 468 -22.91 6.98 -6.89
C SER B 468 -23.50 6.16 -5.76
N VAL B 469 -24.84 6.13 -5.69
CA VAL B 469 -25.48 5.44 -4.58
C VAL B 469 -25.31 3.93 -4.71
N ASP B 470 -25.15 3.43 -5.94
CA ASP B 470 -24.99 2.00 -6.15
C ASP B 470 -23.59 1.65 -6.66
N GLU B 471 -22.60 2.49 -6.41
CA GLU B 471 -21.23 2.19 -6.83
C GLU B 471 -20.65 1.12 -5.92
N GLN B 472 -20.06 0.09 -6.51
CA GLN B 472 -19.34 -0.91 -5.74
C GLN B 472 -17.96 -1.07 -6.33
N LEU B 473 -17.02 -1.54 -5.50
CA LEU B 473 -15.68 -1.87 -5.95
C LEU B 473 -15.70 -3.33 -6.38
N VAL B 474 -15.69 -3.57 -7.69
CA VAL B 474 -15.77 -4.91 -8.26
C VAL B 474 -14.37 -5.44 -8.52
N VAL B 475 -14.08 -6.66 -8.07
CA VAL B 475 -12.79 -7.29 -8.36
C VAL B 475 -13.01 -8.63 -9.02
N VAL B 476 -12.04 -9.00 -9.86
CA VAL B 476 -11.80 -10.42 -10.08
C VAL B 476 -11.29 -11.00 -8.77
N SER B 477 -12.04 -11.92 -8.20
CA SER B 477 -11.62 -12.47 -6.92
C SER B 477 -10.54 -13.50 -7.12
N GLN B 478 -10.76 -14.41 -8.08
CA GLN B 478 -9.86 -15.53 -8.35
C GLN B 478 -10.32 -16.11 -9.69
N VAL B 479 -9.45 -16.93 -10.27
CA VAL B 479 -9.75 -17.56 -11.55
C VAL B 479 -9.80 -19.07 -11.31
N LEU B 480 -10.97 -19.67 -11.52
CA LEU B 480 -11.14 -21.11 -11.40
C LEU B 480 -10.56 -21.75 -12.66
N VAL B 481 -9.39 -22.38 -12.54
CA VAL B 481 -8.57 -22.70 -13.71
C VAL B 481 -9.28 -23.70 -14.62
N SER B 482 -9.22 -23.44 -15.91
CA SER B 482 -9.82 -24.29 -16.92
C SER B 482 -9.15 -23.91 -18.24
N ASP B 483 -9.38 -24.72 -19.26
CA ASP B 483 -8.72 -24.45 -20.54
C ASP B 483 -9.11 -23.06 -21.06
N ILE B 484 -10.37 -22.67 -20.85
CA ILE B 484 -10.87 -21.41 -21.38
C ILE B 484 -10.05 -20.24 -20.89
N ASN B 485 -9.47 -20.32 -19.68
CA ASN B 485 -8.84 -19.15 -19.07
C ASN B 485 -7.34 -19.30 -18.89
N ILE B 486 -6.75 -20.28 -19.57
CA ILE B 486 -5.30 -20.50 -19.61
C ILE B 486 -4.55 -19.19 -19.77
N GLY B 487 -3.55 -18.97 -18.93
CA GLY B 487 -2.77 -17.76 -18.96
C GLY B 487 -3.31 -16.64 -18.11
N TYR B 488 -4.43 -16.85 -17.42
CA TYR B 488 -5.03 -15.81 -16.62
C TYR B 488 -5.08 -16.18 -15.14
N GLU B 489 -4.49 -17.32 -14.75
CA GLU B 489 -4.78 -17.99 -13.49
C GLU B 489 -4.22 -17.23 -12.29
N GLU B 490 -3.27 -16.35 -12.52
CA GLU B 490 -2.70 -15.61 -11.40
C GLU B 490 -3.47 -14.35 -11.06
N ILE B 491 -4.58 -14.05 -11.73
CA ILE B 491 -5.30 -12.82 -11.40
C ILE B 491 -6.04 -13.04 -10.09
N VAL B 492 -5.74 -12.23 -9.09
CA VAL B 492 -6.34 -12.32 -7.76
C VAL B 492 -6.67 -10.92 -7.28
N ASN B 493 -7.87 -10.75 -6.72
CA ASN B 493 -8.36 -9.51 -6.09
C ASN B 493 -7.87 -8.26 -6.83
N THR B 494 -8.27 -8.17 -8.10
CA THR B 494 -7.90 -7.08 -8.97
C THR B 494 -9.15 -6.40 -9.52
N GLN B 495 -9.20 -5.07 -9.41
CA GLN B 495 -10.39 -4.32 -9.81
C GLN B 495 -10.68 -4.41 -11.31
N VAL B 496 -11.94 -4.65 -11.66
CA VAL B 496 -12.47 -4.45 -13.01
C VAL B 496 -12.94 -3.01 -13.15
N VAL B 497 -12.38 -2.27 -14.10
CA VAL B 497 -12.79 -0.90 -14.32
C VAL B 497 -13.68 -0.74 -15.55
N ALA B 498 -13.58 -1.61 -16.56
CA ALA B 498 -14.39 -1.45 -17.76
C ALA B 498 -14.64 -2.81 -18.41
N PHE B 499 -15.75 -2.90 -19.11
CA PHE B 499 -16.10 -4.04 -19.94
C PHE B 499 -16.44 -3.53 -21.34
N ASN B 500 -15.65 -3.96 -22.33
CA ASN B 500 -15.82 -3.59 -23.74
C ASN B 500 -16.04 -2.08 -23.89
N GLY B 501 -15.15 -1.30 -23.27
CA GLY B 501 -15.16 0.13 -23.40
C GLY B 501 -16.04 0.89 -22.42
N LYS B 502 -16.91 0.21 -21.67
CA LYS B 502 -17.87 0.89 -20.80
C LYS B 502 -17.52 0.74 -19.33
N PRO B 503 -17.58 1.82 -18.55
CA PRO B 503 -17.18 1.75 -17.14
C PRO B 503 -18.06 0.80 -16.33
N VAL B 504 -17.43 0.08 -15.42
CA VAL B 504 -18.14 -0.83 -14.53
C VAL B 504 -18.47 -0.08 -13.26
N LYS B 505 -19.75 0.04 -12.95
CA LYS B 505 -20.14 0.76 -11.75
C LYS B 505 -20.40 -0.17 -10.57
N ASN B 506 -20.93 -1.37 -10.80
CA ASN B 506 -21.16 -2.30 -9.72
C ASN B 506 -21.34 -3.70 -10.31
N LEU B 507 -21.57 -4.67 -9.43
CA LEU B 507 -21.57 -6.06 -9.85
C LEU B 507 -22.71 -6.37 -10.80
N LYS B 508 -23.93 -5.90 -10.46
CA LYS B 508 -25.09 -6.13 -11.32
C LYS B 508 -24.90 -5.51 -12.69
N GLY B 509 -24.34 -4.29 -12.74
CA GLY B 509 -23.99 -3.71 -14.01
C GLY B 509 -23.07 -4.59 -14.82
N LEU B 510 -21.97 -5.05 -14.22
CA LEU B 510 -21.05 -5.91 -14.97
C LEU B 510 -21.77 -7.17 -15.44
N ALA B 511 -22.54 -7.80 -14.55
CA ALA B 511 -23.25 -9.01 -14.93
C ALA B 511 -24.21 -8.78 -16.08
N GLY B 512 -24.83 -7.60 -16.13
CA GLY B 512 -25.73 -7.30 -17.24
C GLY B 512 -24.98 -7.12 -18.55
N MET B 513 -23.84 -6.43 -18.52
CA MET B 513 -23.08 -6.23 -19.74
C MET B 513 -22.59 -7.55 -20.33
N VAL B 514 -22.23 -8.51 -19.48
CA VAL B 514 -21.76 -9.79 -20.01
C VAL B 514 -22.91 -10.54 -20.67
N GLU B 515 -24.10 -10.53 -20.05
CA GLU B 515 -25.24 -11.27 -20.61
C GLU B 515 -25.63 -10.74 -21.99
N ASN B 516 -25.66 -9.42 -22.13
CA ASN B 516 -26.06 -8.77 -23.37
C ASN B 516 -24.92 -8.60 -24.37
N CYS B 517 -23.72 -9.06 -24.05
CA CYS B 517 -22.60 -8.88 -24.97
C CYS B 517 -22.84 -9.66 -26.25
N GLU B 518 -22.94 -8.94 -27.36
CA GLU B 518 -23.08 -9.56 -28.67
C GLU B 518 -21.78 -9.52 -29.46
N ASP B 519 -20.75 -8.86 -28.93
CA ASP B 519 -19.48 -8.78 -29.63
C ASP B 519 -18.78 -10.14 -29.69
N GLU B 520 -17.78 -10.20 -30.55
CA GLU B 520 -17.02 -11.44 -30.68
C GLU B 520 -16.19 -11.68 -29.41
N TYR B 521 -15.63 -10.63 -28.84
CA TYR B 521 -14.72 -10.77 -27.72
C TYR B 521 -15.25 -10.02 -26.51
N MET B 522 -14.97 -10.59 -25.34
CA MET B 522 -15.20 -9.94 -24.05
C MET B 522 -13.86 -9.40 -23.59
N LYS B 523 -13.79 -8.08 -23.41
CA LYS B 523 -12.55 -7.38 -23.06
C LYS B 523 -12.75 -6.66 -21.72
N PHE B 524 -12.16 -7.20 -20.67
CA PHE B 524 -12.21 -6.58 -19.35
C PHE B 524 -10.95 -5.75 -19.15
N ASN B 525 -11.12 -4.46 -18.89
CA ASN B 525 -10.02 -3.64 -18.40
C ASN B 525 -9.88 -3.83 -16.90
N LEU B 526 -8.75 -4.33 -16.47
CA LEU B 526 -8.44 -4.54 -15.07
C LEU B 526 -7.50 -3.45 -14.57
N ASP B 527 -7.36 -3.40 -13.26
CA ASP B 527 -6.34 -2.57 -12.64
C ASP B 527 -4.95 -3.04 -13.08
N TYR B 528 -3.93 -2.23 -12.74
CA TYR B 528 -2.54 -2.46 -13.18
C TYR B 528 -2.44 -2.52 -14.71
N ASP B 529 -3.33 -1.81 -15.41
CA ASP B 529 -3.29 -1.69 -16.86
C ASP B 529 -3.33 -3.04 -17.55
N GLN B 530 -4.01 -4.01 -16.97
CA GLN B 530 -4.12 -5.33 -17.55
C GLN B 530 -5.41 -5.45 -18.34
N ILE B 531 -5.47 -6.45 -19.21
CA ILE B 531 -6.71 -6.75 -19.90
C ILE B 531 -6.91 -8.26 -19.87
N VAL B 532 -8.16 -8.65 -19.94
CA VAL B 532 -8.56 -10.03 -20.08
C VAL B 532 -9.41 -10.08 -21.35
N VAL B 533 -9.02 -10.89 -22.31
CA VAL B 533 -9.83 -11.09 -23.51
C VAL B 533 -10.28 -12.54 -23.56
N LEU B 534 -11.58 -12.75 -23.80
CA LEU B 534 -12.14 -14.06 -24.00
C LEU B 534 -13.04 -14.03 -25.22
N ASP B 535 -13.05 -15.14 -25.94
CA ASP B 535 -14.02 -15.34 -27.01
C ASP B 535 -15.40 -15.45 -26.40
N THR B 536 -16.33 -14.61 -26.85
CA THR B 536 -17.62 -14.51 -26.17
C THR B 536 -18.40 -15.82 -26.23
N LYS B 537 -18.45 -16.43 -27.41
CA LYS B 537 -19.21 -17.67 -27.54
C LYS B 537 -18.66 -18.76 -26.62
N THR B 538 -17.34 -19.02 -26.72
CA THR B 538 -16.77 -20.16 -25.98
C THR B 538 -16.65 -19.87 -24.49
N ALA B 539 -16.48 -18.61 -24.10
CA ALA B 539 -16.40 -18.31 -22.68
C ALA B 539 -17.74 -18.54 -22.00
N LYS B 540 -18.84 -18.12 -22.63
CA LYS B 540 -20.15 -18.44 -22.07
C LYS B 540 -20.38 -19.94 -22.03
N GLU B 541 -19.97 -20.65 -23.08
CA GLU B 541 -20.17 -22.09 -23.14
C GLU B 541 -19.32 -22.84 -22.12
N ALA B 542 -18.16 -22.30 -21.74
CA ALA B 542 -17.29 -23.00 -20.79
C ALA B 542 -17.78 -22.91 -19.35
N THR B 543 -18.67 -21.97 -19.02
CA THR B 543 -18.96 -21.67 -17.61
C THR B 543 -19.54 -22.87 -16.87
N LEU B 544 -20.48 -23.58 -17.51
CA LEU B 544 -21.28 -24.55 -16.79
C LEU B 544 -20.44 -25.69 -16.23
N ASP B 545 -19.48 -26.19 -17.01
CA ASP B 545 -18.66 -27.28 -16.50
C ASP B 545 -17.77 -26.81 -15.37
N ILE B 546 -17.34 -25.54 -15.40
CA ILE B 546 -16.52 -25.02 -14.31
C ILE B 546 -17.33 -24.93 -13.02
N LEU B 547 -18.59 -24.47 -13.09
CA LEU B 547 -19.46 -24.50 -11.92
C LEU B 547 -19.62 -25.92 -11.39
N THR B 548 -19.89 -26.87 -12.29
CA THR B 548 -20.03 -28.27 -11.89
C THR B 548 -18.81 -28.74 -11.11
N THR B 549 -17.61 -28.52 -11.68
CA THR B 549 -16.37 -28.92 -11.03
C THR B 549 -16.24 -28.34 -9.63
N HIS B 550 -16.69 -27.10 -9.43
CA HIS B 550 -16.51 -26.46 -8.13
C HIS B 550 -17.76 -26.52 -7.26
N CYS B 551 -18.80 -27.24 -7.69
CA CYS B 551 -20.04 -27.39 -6.95
C CYS B 551 -20.71 -26.05 -6.69
N ILE B 552 -20.75 -25.21 -7.71
CA ILE B 552 -21.38 -23.89 -7.63
C ILE B 552 -22.77 -23.99 -8.25
N PRO B 553 -23.84 -23.55 -7.55
CA PRO B 553 -25.20 -23.89 -7.98
C PRO B 553 -25.66 -23.08 -9.19
N SER B 554 -25.20 -21.84 -9.30
CA SER B 554 -25.48 -21.06 -10.50
C SER B 554 -24.33 -20.08 -10.71
N ALA B 555 -24.32 -19.47 -11.90
CA ALA B 555 -23.30 -18.51 -12.25
C ALA B 555 -23.38 -17.22 -11.42
N MET B 556 -24.45 -16.99 -10.67
CA MET B 556 -24.53 -15.76 -9.88
C MET B 556 -25.41 -15.94 -8.64
N SER B 557 -25.17 -15.07 -7.67
CA SER B 557 -26.00 -15.03 -6.48
C SER B 557 -27.40 -14.53 -6.81
N ASP B 558 -28.37 -14.92 -5.97
CA ASP B 558 -29.78 -14.65 -6.26
C ASP B 558 -30.04 -13.16 -6.47
N ASP B 559 -29.41 -12.32 -5.66
CA ASP B 559 -29.59 -10.88 -5.80
C ASP B 559 -29.22 -10.36 -7.19
N LEU B 560 -28.43 -11.11 -7.95
CA LEU B 560 -28.11 -10.70 -9.31
C LEU B 560 -29.06 -11.30 -10.35
N LYS B 561 -29.86 -12.29 -9.98
CA LYS B 561 -31.00 -12.67 -10.84
C LYS B 561 -32.05 -11.55 -10.84
N THR B 562 -32.37 -11.03 -9.66
CA THR B 562 -33.20 -9.84 -9.42
C THR B 562 -34.23 -9.52 -10.51
C1 GOL C . 11.71 -1.62 -19.19
O1 GOL C . 11.56 -0.67 -18.12
C2 GOL C . 11.99 -3.02 -18.63
O2 GOL C . 11.51 -3.94 -19.55
C3 GOL C . 13.48 -3.23 -18.40
O3 GOL C . 14.19 -2.96 -19.59
#